data_1EL8
#
_entry.id   1EL8
#
_cell.length_a   72.687
_cell.length_b   69.333
_cell.length_c   73.300
_cell.angle_alpha   90.00
_cell.angle_beta   94.14
_cell.angle_gamma   90.00
#
_symmetry.space_group_name_H-M   'P 1 21 1'
#
loop_
_entity.id
_entity.type
_entity.pdbx_description
1 polymer 'SARCOSINE OXIDASE'
2 non-polymer 'PHOSPHATE ION'
3 non-polymer 'CHLORIDE ION'
4 non-polymer 'FLAVIN-ADENINE DINUCLEOTIDE'
5 non-polymer [METHYLSELENO]ACETATE
6 water water
#
_entity_poly.entity_id   1
_entity_poly.type   'polypeptide(L)'
_entity_poly.pdbx_seq_one_letter_code
;STHFDVIVVGAGSMGMAAGYQLAKQGVKTLLVDAFDPPHTNGSHHGDTRIIRHAYGEGREYVPLALRSQELWYELEKETH
HKIFTKTGVLVFGPKGESAFVAETMEAAKEHSLTVDLLEGDEINKRWPGITVPENYNAIFEPNSGVLFSENCIRAYRELA
EARGAKVLTHTRVEDFDISPDSVKIETANGSYTADKLIVSMGAWNSKLLSKLNLDIPLQPYRQVVGFFESDESKYSNDID
FPGFMVEVPNGIYYGFPSFGGCGLKLGYHTFGQKIDPDTINREFGVYPEDESNLRAFLEEYMPGANGELKRGAVCMYTKT
LDEHFIIDLHPEHSNVVIAAGFSGHGFKFSSGVGEVLSQLALTGKTEHDISIFSINRPALKESLQKTTI
;
_entity_poly.pdbx_strand_id   A,B
#
loop_
_chem_comp.id
_chem_comp.type
_chem_comp.name
_chem_comp.formula
CL non-polymer 'CHLORIDE ION' 'Cl -1'
FAD non-polymer 'FLAVIN-ADENINE DINUCLEOTIDE' 'C27 H33 N9 O15 P2'
MSF non-polymer [METHYLSELENO]ACETATE 'C3 H5 O2 Se -1'
PO4 non-polymer 'PHOSPHATE ION' 'O4 P -3'
#
# COMPACT_ATOMS: atom_id res chain seq x y z
N SER A 1 -18.44 47.19 -19.65
CA SER A 1 -18.04 47.61 -21.03
C SER A 1 -16.59 47.28 -21.36
N THR A 2 -16.15 46.09 -20.96
CA THR A 2 -14.80 45.62 -21.28
C THR A 2 -14.82 44.11 -21.58
N HIS A 3 -14.96 43.83 -22.87
CA HIS A 3 -14.95 42.51 -23.47
C HIS A 3 -13.48 42.10 -23.48
N PHE A 4 -13.22 40.79 -23.51
CA PHE A 4 -11.88 40.24 -23.55
C PHE A 4 -11.88 39.19 -24.65
N ASP A 5 -10.69 38.86 -25.15
CA ASP A 5 -10.58 37.83 -26.17
C ASP A 5 -10.81 36.49 -25.45
N VAL A 6 -10.15 36.35 -24.31
CA VAL A 6 -10.24 35.14 -23.50
C VAL A 6 -10.33 35.43 -22.01
N ILE A 7 -11.20 34.69 -21.33
CA ILE A 7 -11.32 34.80 -19.88
C ILE A 7 -10.86 33.46 -19.27
N VAL A 8 -9.95 33.52 -18.30
CA VAL A 8 -9.49 32.31 -17.61
C VAL A 8 -10.08 32.38 -16.20
N VAL A 9 -10.88 31.38 -15.83
CA VAL A 9 -11.46 31.36 -14.48
C VAL A 9 -10.66 30.36 -13.64
N GLY A 10 -9.93 30.91 -12.68
CA GLY A 10 -9.07 30.12 -11.80
C GLY A 10 -7.65 30.32 -12.30
N ALA A 11 -6.92 31.26 -11.70
CA ALA A 11 -5.56 31.58 -12.13
C ALA A 11 -4.51 30.90 -11.30
N GLY A 12 -4.57 29.58 -11.23
CA GLY A 12 -3.59 28.85 -10.46
C GLY A 12 -2.57 28.22 -11.37
N SER A 13 -2.11 27.03 -11.00
CA SER A 13 -1.11 26.31 -11.79
C SER A 13 -1.38 26.29 -13.28
N MET A 14 -2.58 25.82 -13.66
CA MET A 14 -2.90 25.73 -15.07
C MET A 14 -3.35 27.06 -15.68
N GLY A 15 -4.22 27.76 -14.97
CA GLY A 15 -4.72 29.05 -15.46
C GLY A 15 -3.65 30.11 -15.69
N MET A 16 -2.77 30.32 -14.72
CA MET A 16 -1.74 31.34 -14.90
C MET A 16 -0.80 31.00 -16.07
N ALA A 17 -0.47 29.72 -16.23
CA ALA A 17 0.39 29.28 -17.34
C ALA A 17 -0.31 29.61 -18.66
N ALA A 18 -1.61 29.33 -18.73
CA ALA A 18 -2.38 29.61 -19.95
C ALA A 18 -2.44 31.11 -20.18
N GLY A 19 -2.66 31.88 -19.11
CA GLY A 19 -2.74 33.34 -19.25
C GLY A 19 -1.43 33.86 -19.80
N TYR A 20 -0.33 33.28 -19.32
CA TYR A 20 0.98 33.70 -19.82
C TYR A 20 1.12 33.38 -21.31
N GLN A 21 0.76 32.16 -21.70
CA GLN A 21 0.84 31.76 -23.12
C GLN A 21 -0.04 32.68 -24.01
N LEU A 22 -1.23 33.02 -23.52
CA LEU A 22 -2.14 33.87 -24.26
C LEU A 22 -1.63 35.31 -24.40
N ALA A 23 -1.22 35.88 -23.26
CA ALA A 23 -0.72 37.25 -23.23
C ALA A 23 0.49 37.41 -24.14
N LYS A 24 1.37 36.42 -24.15
CA LYS A 24 2.57 36.46 -24.97
C LYS A 24 2.21 36.59 -26.46
N GLN A 25 1.02 36.16 -26.84
CA GLN A 25 0.60 36.24 -28.23
C GLN A 25 -0.28 37.44 -28.54
N GLY A 26 -0.30 38.42 -27.64
CA GLY A 26 -1.11 39.60 -27.86
C GLY A 26 -2.61 39.34 -27.72
N VAL A 27 -2.99 38.24 -27.09
CA VAL A 27 -4.42 37.92 -26.90
C VAL A 27 -4.92 38.62 -25.65
N LYS A 28 -5.90 39.52 -25.78
CA LYS A 28 -6.44 40.26 -24.64
C LYS A 28 -7.09 39.31 -23.65
N THR A 29 -6.40 39.08 -22.54
CA THR A 29 -6.84 38.14 -21.53
C THR A 29 -7.20 38.68 -20.15
N LEU A 30 -8.25 38.11 -19.56
CA LEU A 30 -8.68 38.42 -18.19
C LEU A 30 -8.57 37.15 -17.35
N LEU A 31 -7.81 37.17 -16.27
CA LEU A 31 -7.71 36.00 -15.39
C LEU A 31 -8.45 36.34 -14.10
N VAL A 32 -9.42 35.51 -13.70
CA VAL A 32 -10.15 35.75 -12.46
C VAL A 32 -9.84 34.66 -11.42
N ASP A 33 -9.52 35.06 -10.20
CA ASP A 33 -9.22 34.11 -9.13
C ASP A 33 -9.93 34.49 -7.85
N ALA A 34 -10.31 33.46 -7.09
CA ALA A 34 -11.01 33.63 -5.81
C ALA A 34 -10.07 34.20 -4.74
N PHE A 35 -8.77 34.10 -4.97
CA PHE A 35 -7.78 34.60 -4.04
C PHE A 35 -6.76 35.40 -4.83
N ASP A 36 -5.51 35.42 -4.36
CA ASP A 36 -4.46 36.20 -5.02
C ASP A 36 -3.24 35.28 -5.24
N PRO A 37 -3.20 34.57 -6.38
CA PRO A 37 -2.11 33.64 -6.69
C PRO A 37 -0.71 34.24 -6.83
N PRO A 38 0.31 33.52 -6.33
CA PRO A 38 0.14 32.23 -5.66
C PRO A 38 -0.36 32.38 -4.21
N HIS A 39 -1.19 31.44 -3.77
CA HIS A 39 -1.72 31.49 -2.41
C HIS A 39 -1.64 30.11 -1.74
N THR A 40 -2.15 30.01 -0.52
CA THR A 40 -2.09 28.73 0.19
C THR A 40 -3.45 28.05 0.36
N ASN A 41 -4.43 28.43 -0.46
CA ASN A 41 -5.77 27.85 -0.36
C ASN A 41 -6.09 26.82 -1.46
N GLY A 42 -5.24 26.74 -2.48
CA GLY A 42 -5.50 25.82 -3.57
C GLY A 42 -4.65 24.57 -3.52
N SER A 43 -4.06 24.22 -4.66
CA SER A 43 -3.22 23.03 -4.78
C SER A 43 -1.76 23.29 -5.19
N HIS A 44 -1.26 24.52 -5.06
CA HIS A 44 0.09 24.80 -5.52
C HIS A 44 1.12 25.32 -4.53
N HIS A 45 0.77 25.37 -3.25
CA HIS A 45 1.73 25.86 -2.29
C HIS A 45 2.49 24.71 -1.67
N GLY A 46 3.29 25.02 -0.66
CA GLY A 46 4.14 24.00 -0.05
C GLY A 46 5.53 24.12 -0.67
N ASP A 47 5.75 25.26 -1.34
CA ASP A 47 7.02 25.61 -1.99
C ASP A 47 7.53 24.81 -3.18
N THR A 48 7.70 23.50 -3.00
CA THR A 48 8.28 22.65 -4.03
C THR A 48 7.38 21.58 -4.65
N ARG A 49 7.74 21.21 -5.87
CA ARG A 49 7.01 20.21 -6.62
C ARG A 49 8.01 19.38 -7.42
N ILE A 50 7.81 18.07 -7.44
CA ILE A 50 8.67 17.22 -8.20
C ILE A 50 8.29 17.17 -9.69
N ILE A 51 9.29 17.18 -10.58
CA ILE A 51 8.98 16.96 -11.97
C ILE A 51 9.81 15.72 -12.34
N ARG A 52 9.14 14.75 -12.96
CA ARG A 52 9.77 13.51 -13.42
C ARG A 52 9.51 13.43 -14.92
N HIS A 53 10.33 12.67 -15.65
CA HIS A 53 10.12 12.50 -17.09
C HIS A 53 9.69 11.06 -17.30
N ALA A 54 10.47 10.08 -16.81
CA ALA A 54 10.10 8.66 -16.93
C ALA A 54 8.90 8.63 -16.02
N TYR A 55 7.71 8.37 -16.58
CA TYR A 55 6.48 8.46 -15.80
C TYR A 55 5.75 7.18 -15.39
N GLY A 56 5.87 6.88 -14.09
CA GLY A 56 5.24 5.69 -13.51
C GLY A 56 3.73 5.64 -13.66
N GLU A 57 3.08 6.80 -13.72
CA GLU A 57 1.61 6.82 -13.88
C GLU A 57 1.25 6.41 -15.31
N GLY A 58 2.25 6.41 -16.19
CA GLY A 58 2.01 6.02 -17.56
C GLY A 58 3.00 6.64 -18.54
N ARG A 59 3.62 5.79 -19.35
CA ARG A 59 4.60 6.25 -20.33
C ARG A 59 4.02 7.29 -21.31
N GLU A 60 2.70 7.30 -21.50
CA GLU A 60 2.08 8.26 -22.44
C GLU A 60 2.22 9.73 -22.04
N TYR A 61 2.60 9.97 -20.78
CA TYR A 61 2.79 11.34 -20.26
C TYR A 61 4.19 11.89 -20.58
N VAL A 62 5.10 11.02 -21.00
CA VAL A 62 6.49 11.46 -21.27
C VAL A 62 6.58 12.67 -22.21
N PRO A 63 5.95 12.63 -23.38
CA PRO A 63 6.04 13.80 -24.27
C PRO A 63 5.70 15.15 -23.59
N LEU A 64 4.60 15.20 -22.84
CA LEU A 64 4.19 16.43 -22.15
C LEU A 64 5.17 16.82 -21.03
N ALA A 65 5.79 15.82 -20.40
CA ALA A 65 6.74 16.08 -19.32
C ALA A 65 8.01 16.69 -19.91
N LEU A 66 8.49 16.13 -21.02
CA LEU A 66 9.69 16.64 -21.68
C LEU A 66 9.43 18.07 -22.21
N ARG A 67 8.25 18.30 -22.75
CA ARG A 67 7.93 19.65 -23.22
C ARG A 67 7.81 20.60 -22.05
N SER A 68 7.23 20.15 -20.92
CA SER A 68 7.08 21.05 -19.79
C SER A 68 8.45 21.41 -19.23
N GLN A 69 9.33 20.41 -19.19
CA GLN A 69 10.70 20.61 -18.73
C GLN A 69 11.41 21.70 -19.56
N GLU A 70 11.28 21.64 -20.88
CA GLU A 70 11.91 22.65 -21.73
C GLU A 70 11.25 24.00 -21.39
N LEU A 71 9.93 24.02 -21.16
CA LEU A 71 9.26 25.29 -20.81
C LEU A 71 9.70 25.84 -19.45
N TRP A 72 10.02 24.99 -18.48
CA TRP A 72 10.47 25.51 -17.19
C TRP A 72 11.86 26.13 -17.37
N TYR A 73 12.72 25.49 -18.17
CA TYR A 73 14.04 26.07 -18.44
C TYR A 73 13.87 27.43 -19.12
N GLU A 74 12.86 27.57 -19.98
CA GLU A 74 12.65 28.87 -20.63
C GLU A 74 12.22 29.86 -19.55
N LEU A 75 11.30 29.45 -18.68
CA LEU A 75 10.84 30.35 -17.64
C LEU A 75 11.99 30.83 -16.74
N GLU A 76 12.89 29.93 -16.39
CA GLU A 76 14.02 30.28 -15.53
C GLU A 76 14.79 31.46 -16.13
N LYS A 77 14.94 31.45 -17.46
CA LYS A 77 15.67 32.51 -18.15
C LYS A 77 14.95 33.86 -18.22
N GLU A 78 13.62 33.82 -18.17
CA GLU A 78 12.80 35.00 -18.28
C GLU A 78 12.50 35.77 -17.00
N THR A 79 12.70 35.16 -15.84
CA THR A 79 12.37 35.81 -14.58
C THR A 79 13.52 35.80 -13.56
N HIS A 80 13.44 36.66 -12.54
CA HIS A 80 14.47 36.66 -11.50
C HIS A 80 14.11 35.65 -10.42
N HIS A 81 12.88 35.12 -10.45
CA HIS A 81 12.46 34.12 -9.47
C HIS A 81 13.12 32.78 -9.79
N LYS A 82 13.47 32.01 -8.76
CA LYS A 82 14.07 30.70 -8.97
C LYS A 82 12.97 29.75 -9.42
N ILE A 83 13.24 29.01 -10.48
CA ILE A 83 12.22 28.09 -11.00
C ILE A 83 12.50 26.59 -10.80
N PHE A 84 13.71 26.15 -11.16
CA PHE A 84 14.06 24.73 -11.12
C PHE A 84 15.45 24.38 -10.62
N THR A 85 15.52 23.32 -9.81
CA THR A 85 16.80 22.82 -9.34
C THR A 85 16.87 21.34 -9.75
N LYS A 86 17.95 20.97 -10.45
CA LYS A 86 18.10 19.61 -10.94
C LYS A 86 18.62 18.64 -9.88
N THR A 87 17.74 18.25 -8.96
CA THR A 87 18.06 17.32 -7.88
C THR A 87 18.11 15.86 -8.36
N GLY A 88 17.49 15.58 -9.51
CA GLY A 88 17.41 14.20 -9.95
C GLY A 88 16.25 13.65 -9.13
N VAL A 89 15.61 12.57 -9.58
CA VAL A 89 14.52 11.98 -8.82
C VAL A 89 14.72 10.49 -8.74
N LEU A 90 14.68 9.98 -7.51
CA LEU A 90 14.83 8.56 -7.23
C LEU A 90 13.46 7.90 -7.03
N VAL A 91 13.25 6.78 -7.73
CA VAL A 91 12.01 6.00 -7.62
C VAL A 91 12.46 4.59 -7.19
N PHE A 92 11.91 4.07 -6.09
CA PHE A 92 12.25 2.72 -5.66
C PHE A 92 11.05 2.00 -5.08
N GLY A 93 11.19 0.69 -4.92
CA GLY A 93 10.11 -0.13 -4.39
C GLY A 93 10.54 -1.58 -4.25
N PRO A 94 9.71 -2.45 -3.66
CA PRO A 94 10.12 -3.85 -3.52
C PRO A 94 10.20 -4.43 -4.92
N LYS A 95 11.26 -5.19 -5.20
CA LYS A 95 11.45 -5.80 -6.51
C LYS A 95 10.23 -6.62 -6.93
N GLY A 96 9.76 -6.39 -8.15
CA GLY A 96 8.62 -7.16 -8.65
C GLY A 96 7.31 -6.90 -7.95
N GLU A 97 7.26 -5.88 -7.10
CA GLU A 97 6.03 -5.60 -6.39
C GLU A 97 5.58 -4.16 -6.47
N SER A 98 5.87 -3.49 -7.58
CA SER A 98 5.46 -2.10 -7.74
C SER A 98 5.18 -1.80 -9.21
N ALA A 99 3.90 -1.65 -9.55
CA ALA A 99 3.52 -1.31 -10.92
C ALA A 99 4.13 0.05 -11.23
N PHE A 100 4.20 0.91 -10.21
CA PHE A 100 4.74 2.24 -10.39
C PHE A 100 6.20 2.19 -10.82
N VAL A 101 7.02 1.46 -10.07
CA VAL A 101 8.43 1.35 -10.43
C VAL A 101 8.58 0.68 -11.82
N ALA A 102 7.79 -0.36 -12.08
CA ALA A 102 7.87 -1.08 -13.34
C ALA A 102 7.52 -0.20 -14.53
N GLU A 103 6.47 0.61 -14.41
CA GLU A 103 6.11 1.47 -15.52
C GLU A 103 7.14 2.60 -15.71
N THR A 104 7.76 3.03 -14.62
CA THR A 104 8.77 4.09 -14.69
C THR A 104 9.88 3.48 -15.52
N MET A 105 10.30 2.27 -15.16
CA MET A 105 11.37 1.61 -15.92
C MET A 105 11.02 1.45 -17.41
N GLU A 106 9.77 1.07 -17.70
CA GLU A 106 9.37 0.89 -19.10
C GLU A 106 9.29 2.21 -19.84
N ALA A 107 8.78 3.23 -19.16
CA ALA A 107 8.67 4.53 -19.77
C ALA A 107 10.06 5.02 -20.16
N ALA A 108 11.05 4.78 -19.30
CA ALA A 108 12.42 5.22 -19.59
C ALA A 108 12.96 4.53 -20.83
N LYS A 109 12.77 3.21 -20.92
CA LYS A 109 13.24 2.46 -22.08
C LYS A 109 12.52 2.92 -23.33
N GLU A 110 11.20 2.99 -23.29
CA GLU A 110 10.43 3.39 -24.46
C GLU A 110 10.78 4.75 -25.03
N HIS A 111 11.21 5.68 -24.17
CA HIS A 111 11.56 7.00 -24.64
C HIS A 111 13.05 7.31 -24.55
N SER A 112 13.86 6.27 -24.37
CA SER A 112 15.30 6.40 -24.30
C SER A 112 15.73 7.51 -23.34
N LEU A 113 15.17 7.49 -22.14
CA LEU A 113 15.52 8.48 -21.16
C LEU A 113 16.79 8.03 -20.46
N THR A 114 17.55 8.99 -19.95
CA THR A 114 18.79 8.68 -19.25
C THR A 114 18.49 8.36 -17.80
N VAL A 115 18.79 7.13 -17.38
CA VAL A 115 18.48 6.72 -16.02
C VAL A 115 19.51 5.72 -15.52
N ASP A 116 19.60 5.58 -14.20
CA ASP A 116 20.51 4.62 -13.57
C ASP A 116 19.62 3.60 -12.88
N LEU A 117 19.95 2.32 -13.04
CA LEU A 117 19.21 1.24 -12.40
C LEU A 117 20.12 0.70 -11.28
N LEU A 118 19.56 0.54 -10.09
CA LEU A 118 20.33 0.01 -8.98
C LEU A 118 19.40 -0.68 -8.00
N GLU A 119 19.98 -1.47 -7.09
CA GLU A 119 19.17 -2.19 -6.13
C GLU A 119 19.86 -2.50 -4.84
N GLY A 120 19.06 -2.84 -3.84
CA GLY A 120 19.57 -3.20 -2.54
C GLY A 120 20.54 -2.22 -1.91
N ASP A 121 21.63 -2.77 -1.41
CA ASP A 121 22.64 -1.98 -0.75
C ASP A 121 23.23 -0.90 -1.65
N GLU A 122 23.16 -1.07 -2.97
CA GLU A 122 23.68 -0.05 -3.89
C GLU A 122 22.93 1.26 -3.67
N ILE A 123 21.64 1.18 -3.36
CA ILE A 123 20.87 2.39 -3.12
C ILE A 123 21.37 3.08 -1.85
N ASN A 124 21.52 2.31 -0.78
CA ASN A 124 21.97 2.85 0.51
C ASN A 124 23.42 3.37 0.43
N LYS A 125 24.24 2.73 -0.40
CA LYS A 125 25.63 3.14 -0.59
C LYS A 125 25.70 4.46 -1.35
N ARG A 126 24.99 4.55 -2.46
CA ARG A 126 25.01 5.77 -3.26
C ARG A 126 24.49 6.98 -2.48
N TRP A 127 23.43 6.80 -1.71
CA TRP A 127 22.86 7.90 -0.94
C TRP A 127 22.81 7.66 0.57
N PRO A 128 23.89 8.01 1.29
CA PRO A 128 23.91 7.83 2.74
C PRO A 128 22.65 8.53 3.25
N GLY A 129 21.92 7.89 4.17
CA GLY A 129 20.69 8.50 4.65
C GLY A 129 19.44 7.73 4.21
N ILE A 130 19.61 6.86 3.22
CA ILE A 130 18.50 6.03 2.73
C ILE A 130 18.79 4.60 3.17
N THR A 131 17.79 3.96 3.78
CA THR A 131 17.97 2.59 4.22
C THR A 131 16.78 1.77 3.74
N VAL A 132 16.95 1.10 2.60
CA VAL A 132 15.90 0.24 2.06
C VAL A 132 16.31 -1.23 2.23
N PRO A 133 15.34 -2.15 2.19
CA PRO A 133 15.68 -3.57 2.34
C PRO A 133 16.45 -4.01 1.09
N GLU A 134 17.17 -5.13 1.19
CA GLU A 134 17.95 -5.60 0.06
C GLU A 134 17.13 -6.08 -1.12
N ASN A 135 15.85 -6.32 -0.90
CA ASN A 135 14.99 -6.80 -1.99
C ASN A 135 14.36 -5.65 -2.78
N TYR A 136 14.80 -4.42 -2.51
CA TYR A 136 14.29 -3.25 -3.20
C TYR A 136 15.15 -2.91 -4.43
N ASN A 137 14.53 -2.36 -5.45
CA ASN A 137 15.26 -1.94 -6.62
C ASN A 137 14.83 -0.52 -6.88
N ALA A 138 15.57 0.15 -7.75
CA ALA A 138 15.31 1.52 -8.03
C ALA A 138 15.73 1.97 -9.42
N ILE A 139 15.16 3.10 -9.83
CA ILE A 139 15.48 3.74 -11.09
C ILE A 139 15.62 5.22 -10.71
N PHE A 140 16.82 5.76 -10.94
CA PHE A 140 17.15 7.16 -10.65
C PHE A 140 17.22 7.92 -11.99
N GLU A 141 16.60 9.09 -12.01
CA GLU A 141 16.58 9.97 -13.19
C GLU A 141 17.40 11.23 -12.82
N PRO A 142 18.66 11.30 -13.30
CA PRO A 142 19.50 12.46 -12.96
C PRO A 142 19.08 13.82 -13.50
N ASN A 143 18.37 13.85 -14.61
CA ASN A 143 18.01 15.14 -15.18
C ASN A 143 16.64 15.69 -14.84
N SER A 144 15.94 15.00 -13.93
CA SER A 144 14.62 15.43 -13.43
C SER A 144 14.93 16.32 -12.25
N GLY A 145 13.89 16.82 -11.58
CA GLY A 145 14.19 17.65 -10.43
C GLY A 145 13.04 18.22 -9.64
N VAL A 146 13.31 19.41 -9.12
CA VAL A 146 12.38 20.11 -8.28
C VAL A 146 12.03 21.50 -8.80
N LEU A 147 10.74 21.77 -8.85
CA LEU A 147 10.21 23.07 -9.30
C LEU A 147 9.77 23.86 -8.06
N PHE A 148 9.95 25.17 -8.09
CA PHE A 148 9.49 26.02 -7.00
C PHE A 148 8.17 26.54 -7.54
N SER A 149 7.11 25.81 -7.20
CA SER A 149 5.76 26.07 -7.68
C SER A 149 5.17 27.47 -7.48
N GLU A 150 5.32 28.04 -6.29
CA GLU A 150 4.80 29.38 -6.03
C GLU A 150 5.52 30.39 -6.91
N ASN A 151 6.85 30.24 -7.00
CA ASN A 151 7.67 31.11 -7.84
C ASN A 151 7.22 31.00 -9.29
N CYS A 152 6.94 29.78 -9.74
CA CYS A 152 6.45 29.57 -11.12
C CYS A 152 5.20 30.37 -11.40
N ILE A 153 4.21 30.28 -10.52
CA ILE A 153 2.97 31.00 -10.75
C ILE A 153 3.18 32.49 -10.65
N ARG A 154 4.02 32.90 -9.70
CA ARG A 154 4.28 34.33 -9.55
C ARG A 154 4.96 34.86 -10.81
N ALA A 155 5.94 34.12 -11.33
CA ALA A 155 6.65 34.54 -12.55
C ALA A 155 5.67 34.61 -13.74
N TYR A 156 4.92 33.54 -13.96
CA TYR A 156 3.96 33.57 -15.07
C TYR A 156 3.02 34.76 -14.91
N ARG A 157 2.59 35.05 -13.70
CA ARG A 157 1.69 36.18 -13.54
C ARG A 157 2.34 37.52 -13.87
N GLU A 158 3.52 37.75 -13.31
CA GLU A 158 4.23 39.00 -13.54
C GLU A 158 4.49 39.21 -15.02
N LEU A 159 4.90 38.15 -15.71
CA LEU A 159 5.18 38.24 -17.14
C LEU A 159 3.92 38.45 -17.99
N ALA A 160 2.82 37.82 -17.59
CA ALA A 160 1.57 37.95 -18.33
C ALA A 160 1.04 39.36 -18.13
N GLU A 161 1.11 39.87 -16.90
CA GLU A 161 0.61 41.21 -16.63
C GLU A 161 1.44 42.25 -17.36
N ALA A 162 2.75 42.07 -17.39
CA ALA A 162 3.62 43.00 -18.10
C ALA A 162 3.19 43.07 -19.58
N ARG A 163 2.70 41.96 -20.10
CA ARG A 163 2.23 41.94 -21.49
C ARG A 163 0.78 42.37 -21.68
N GLY A 164 0.11 42.79 -20.60
CA GLY A 164 -1.25 43.28 -20.75
C GLY A 164 -2.39 42.44 -20.20
N ALA A 165 -2.11 41.21 -19.77
CA ALA A 165 -3.16 40.40 -19.18
C ALA A 165 -3.59 41.11 -17.90
N LYS A 166 -4.88 41.03 -17.58
CA LYS A 166 -5.46 41.64 -16.39
C LYS A 166 -5.81 40.51 -15.42
N VAL A 167 -5.52 40.68 -14.15
CA VAL A 167 -5.80 39.66 -13.17
C VAL A 167 -6.72 40.23 -12.11
N LEU A 168 -7.93 39.71 -12.04
CA LEU A 168 -8.91 40.18 -11.06
C LEU A 168 -8.91 39.21 -9.88
N THR A 169 -8.34 39.65 -8.76
CA THR A 169 -8.19 38.84 -7.56
C THR A 169 -9.34 38.91 -6.55
N HIS A 170 -9.32 37.95 -5.62
CA HIS A 170 -10.31 37.85 -4.56
C HIS A 170 -11.73 37.94 -5.12
N THR A 171 -11.91 37.34 -6.29
CA THR A 171 -13.20 37.38 -6.95
C THR A 171 -13.59 35.97 -7.35
N ARG A 172 -14.62 35.48 -6.69
CA ARG A 172 -15.12 34.15 -6.90
C ARG A 172 -16.15 34.14 -8.03
N VAL A 173 -15.89 33.37 -9.07
CA VAL A 173 -16.85 33.26 -10.14
C VAL A 173 -17.91 32.32 -9.62
N GLU A 174 -19.16 32.71 -9.75
CA GLU A 174 -20.28 31.91 -9.25
C GLU A 174 -21.17 31.27 -10.30
N ASP A 175 -21.15 31.77 -11.53
CA ASP A 175 -21.98 31.18 -12.55
C ASP A 175 -21.46 31.58 -13.92
N PHE A 176 -21.89 30.83 -14.94
CA PHE A 176 -21.46 31.04 -16.32
C PHE A 176 -22.65 31.13 -17.28
N ASP A 177 -22.47 31.86 -18.37
CA ASP A 177 -23.52 31.97 -19.37
C ASP A 177 -22.81 31.79 -20.69
N ILE A 178 -22.98 30.62 -21.30
CA ILE A 178 -22.32 30.32 -22.56
C ILE A 178 -23.26 30.38 -23.76
N SER A 179 -22.83 31.04 -24.82
N SER A 179 -22.82 31.06 -24.81
CA SER A 179 -23.65 31.12 -26.03
CA SER A 179 -23.60 31.19 -26.04
C SER A 179 -22.78 30.58 -27.17
C SER A 179 -22.76 30.64 -27.20
N PRO A 180 -23.39 30.35 -28.34
CA PRO A 180 -22.60 29.83 -29.45
C PRO A 180 -21.43 30.72 -29.85
N ASP A 181 -21.54 32.02 -29.60
CA ASP A 181 -20.44 32.91 -29.99
C ASP A 181 -19.82 33.78 -28.89
N SER A 182 -20.08 33.45 -27.63
CA SER A 182 -19.49 34.23 -26.55
C SER A 182 -19.68 33.55 -25.21
N VAL A 183 -18.85 33.94 -24.25
CA VAL A 183 -18.93 33.37 -22.93
C VAL A 183 -19.07 34.53 -21.95
N LYS A 184 -19.74 34.29 -20.82
CA LYS A 184 -19.89 35.35 -19.82
C LYS A 184 -19.81 34.74 -18.43
N ILE A 185 -19.13 35.40 -17.49
CA ILE A 185 -19.03 34.91 -16.11
C ILE A 185 -19.67 35.92 -15.15
N GLU A 186 -20.13 35.41 -14.01
CA GLU A 186 -20.78 36.23 -12.98
C GLU A 186 -20.03 36.13 -11.66
N THR A 187 -19.79 37.28 -11.05
CA THR A 187 -19.07 37.40 -9.78
C THR A 187 -19.68 38.54 -8.96
N ALA A 188 -19.41 38.54 -7.65
CA ALA A 188 -19.94 39.59 -6.80
C ALA A 188 -19.38 40.93 -7.23
N ASN A 189 -18.23 40.91 -7.90
CA ASN A 189 -17.59 42.17 -8.34
C ASN A 189 -17.95 42.61 -9.76
N GLY A 190 -18.86 41.87 -10.38
CA GLY A 190 -19.30 42.24 -11.73
C GLY A 190 -19.26 41.06 -12.69
N SER A 191 -19.79 41.27 -13.89
CA SER A 191 -19.78 40.21 -14.91
C SER A 191 -18.90 40.67 -16.09
N TYR A 192 -18.36 39.71 -16.83
CA TYR A 192 -17.44 39.94 -17.95
C TYR A 192 -17.73 39.00 -19.12
N THR A 193 -17.49 39.46 -20.35
CA THR A 193 -17.72 38.66 -21.55
C THR A 193 -16.43 38.48 -22.33
N ALA A 194 -16.39 37.43 -23.15
CA ALA A 194 -15.24 37.12 -23.99
C ALA A 194 -15.68 36.18 -25.11
N ASP A 195 -14.75 35.85 -25.99
CA ASP A 195 -15.03 34.95 -27.09
C ASP A 195 -14.78 33.52 -26.64
N LYS A 196 -13.82 33.36 -25.73
CA LYS A 196 -13.41 32.05 -25.22
C LYS A 196 -13.29 31.98 -23.71
N LEU A 197 -13.47 30.79 -23.17
CA LEU A 197 -13.40 30.60 -21.74
C LEU A 197 -12.52 29.40 -21.39
N ILE A 198 -11.64 29.58 -20.42
CA ILE A 198 -10.83 28.48 -19.93
C ILE A 198 -11.26 28.31 -18.48
N VAL A 199 -11.58 27.08 -18.10
CA VAL A 199 -12.01 26.79 -16.74
C VAL A 199 -10.96 25.90 -16.06
N SER A 200 -10.32 26.44 -15.03
CA SER A 200 -9.26 25.73 -14.33
C SER A 200 -9.31 26.08 -12.84
N MET A 201 -10.41 25.70 -12.18
CA MET A 201 -10.62 26.04 -10.79
C MET A 201 -10.09 25.04 -9.76
N GLY A 202 -9.23 24.11 -10.17
CA GLY A 202 -8.67 23.15 -9.22
C GLY A 202 -9.74 22.40 -8.42
N ALA A 203 -9.56 22.31 -7.10
CA ALA A 203 -10.51 21.60 -6.25
C ALA A 203 -11.96 22.05 -6.41
N TRP A 204 -12.15 23.32 -6.77
CA TRP A 204 -13.52 23.82 -6.95
C TRP A 204 -14.22 23.39 -8.22
N ASN A 205 -13.49 22.74 -9.12
CA ASN A 205 -14.09 22.20 -10.34
C ASN A 205 -15.16 21.17 -9.90
N SER A 206 -14.90 20.49 -8.79
CA SER A 206 -15.83 19.46 -8.27
C SER A 206 -17.17 20.04 -7.80
N LYS A 207 -17.21 21.35 -7.55
CA LYS A 207 -18.45 21.98 -7.09
C LYS A 207 -19.08 22.90 -8.13
N LEU A 208 -18.29 23.42 -9.06
CA LEU A 208 -18.82 24.36 -10.04
C LEU A 208 -18.97 23.96 -11.50
N LEU A 209 -18.47 22.79 -11.88
CA LEU A 209 -18.60 22.39 -13.27
C LEU A 209 -20.07 22.09 -13.55
N SER A 210 -20.83 21.84 -12.50
CA SER A 210 -22.25 21.55 -12.68
C SER A 210 -22.92 22.81 -13.27
N LYS A 211 -22.31 23.98 -13.04
CA LYS A 211 -22.85 25.23 -13.59
C LYS A 211 -22.65 25.31 -15.11
N LEU A 212 -21.92 24.34 -15.66
CA LEU A 212 -21.67 24.28 -17.10
C LEU A 212 -22.32 23.00 -17.62
N ASN A 213 -23.33 22.52 -16.88
CA ASN A 213 -24.06 21.33 -17.26
C ASN A 213 -23.18 20.08 -17.32
N LEU A 214 -22.09 20.07 -16.55
CA LEU A 214 -21.21 18.91 -16.56
C LEU A 214 -21.40 18.11 -15.27
N ASP A 215 -21.31 16.80 -15.37
CA ASP A 215 -21.47 15.91 -14.20
C ASP A 215 -20.36 14.89 -14.25
N ILE A 216 -19.19 15.26 -13.75
CA ILE A 216 -18.05 14.36 -13.77
C ILE A 216 -17.55 14.06 -12.38
N PRO A 217 -17.27 12.78 -12.08
CA PRO A 217 -16.80 12.54 -10.72
C PRO A 217 -15.44 13.17 -10.47
N LEU A 218 -15.39 14.07 -9.49
CA LEU A 218 -14.14 14.72 -9.11
C LEU A 218 -14.15 14.77 -7.58
N GLN A 219 -13.18 14.11 -6.94
CA GLN A 219 -13.13 14.10 -5.48
C GLN A 219 -11.93 14.83 -4.92
N PRO A 220 -12.16 15.90 -4.13
CA PRO A 220 -11.03 16.63 -3.55
C PRO A 220 -10.54 15.83 -2.33
N TYR A 221 -9.23 15.88 -2.09
CA TYR A 221 -8.61 15.19 -0.97
C TYR A 221 -7.68 16.15 -0.21
N ARG A 222 -7.65 16.00 1.10
CA ARG A 222 -6.81 16.79 1.96
C ARG A 222 -5.46 16.06 2.01
N GLN A 223 -4.42 16.72 1.51
CA GLN A 223 -3.10 16.12 1.47
C GLN A 223 -2.07 17.03 2.13
N VAL A 224 -1.46 16.53 3.21
CA VAL A 224 -0.47 17.31 3.94
C VAL A 224 0.96 16.90 3.65
N VAL A 225 1.90 17.77 4.02
CA VAL A 225 3.33 17.54 3.86
C VAL A 225 4.00 18.15 5.08
N GLY A 226 5.15 17.61 5.44
CA GLY A 226 5.88 18.13 6.57
C GLY A 226 7.35 18.27 6.24
N PHE A 227 8.00 19.25 6.87
CA PHE A 227 9.42 19.54 6.72
C PHE A 227 10.02 19.15 8.08
N PHE A 228 11.03 18.29 8.05
CA PHE A 228 11.68 17.79 9.28
C PHE A 228 13.18 18.12 9.40
N GLU A 229 13.62 18.46 10.61
CA GLU A 229 15.03 18.78 10.83
C GLU A 229 15.78 17.51 10.43
N SER A 230 16.85 17.66 9.66
CA SER A 230 17.55 16.49 9.15
C SER A 230 19.05 16.59 9.26
N ASP A 231 19.71 15.46 9.06
CA ASP A 231 21.17 15.41 9.07
C ASP A 231 21.51 16.06 7.71
N GLU A 232 21.96 17.32 7.76
CA GLU A 232 22.28 18.05 6.54
C GLU A 232 23.43 17.44 5.73
N SER A 233 24.31 16.70 6.41
CA SER A 233 25.43 16.09 5.72
C SER A 233 24.96 14.93 4.85
N LYS A 234 23.67 14.60 4.94
CA LYS A 234 23.11 13.49 4.16
C LYS A 234 21.93 13.88 3.26
N TYR A 235 21.01 14.66 3.79
CA TYR A 235 19.78 15.02 3.09
C TYR A 235 19.68 16.36 2.38
N SER A 236 20.79 17.07 2.34
CA SER A 236 20.83 18.38 1.69
C SER A 236 20.95 18.26 0.16
N ASN A 237 20.31 19.19 -0.54
CA ASN A 237 20.42 19.22 -1.99
C ASN A 237 21.89 19.41 -2.35
N ASP A 238 22.62 20.06 -1.44
CA ASP A 238 24.03 20.38 -1.62
C ASP A 238 24.92 19.14 -1.71
N ILE A 239 24.52 18.05 -1.06
CA ILE A 239 25.28 16.81 -1.12
C ILE A 239 24.57 15.80 -2.05
N ASP A 240 23.73 16.35 -2.93
CA ASP A 240 23.01 15.57 -3.94
C ASP A 240 21.95 14.54 -3.50
N PHE A 241 21.29 14.79 -2.37
CA PHE A 241 20.23 13.91 -1.94
C PHE A 241 19.16 14.25 -2.97
N PRO A 242 18.54 13.21 -3.57
CA PRO A 242 17.51 13.44 -4.59
C PRO A 242 16.09 13.70 -4.12
N GLY A 243 15.25 14.13 -5.05
CA GLY A 243 13.84 14.27 -4.78
C GLY A 243 13.45 12.81 -4.97
N PHE A 244 12.25 12.40 -4.58
CA PHE A 244 11.88 11.01 -4.73
C PHE A 244 10.39 10.76 -4.65
N MET A 245 9.97 9.66 -5.26
CA MET A 245 8.59 9.19 -5.21
C MET A 245 8.77 7.70 -5.17
N VAL A 246 8.36 7.07 -4.07
CA VAL A 246 8.58 5.65 -3.91
C VAL A 246 7.34 4.88 -3.47
N GLU A 247 7.36 3.58 -3.74
CA GLU A 247 6.26 2.71 -3.34
C GLU A 247 6.70 1.68 -2.30
N VAL A 248 6.00 1.66 -1.16
CA VAL A 248 6.26 0.70 -0.09
C VAL A 248 4.95 -0.08 0.08
N PRO A 249 4.97 -1.17 0.87
CA PRO A 249 3.76 -1.96 1.06
C PRO A 249 2.50 -1.16 1.38
N ASN A 250 2.62 -0.12 2.20
CA ASN A 250 1.43 0.65 2.55
C ASN A 250 1.13 1.91 1.72
N GLY A 251 1.76 2.01 0.56
CA GLY A 251 1.47 3.13 -0.32
C GLY A 251 2.65 3.85 -0.95
N ILE A 252 2.35 4.98 -1.58
CA ILE A 252 3.38 5.78 -2.26
C ILE A 252 3.65 7.05 -1.46
N TYR A 253 4.94 7.38 -1.35
CA TYR A 253 5.39 8.57 -0.64
C TYR A 253 6.30 9.36 -1.59
N TYR A 254 6.42 10.68 -1.36
CA TYR A 254 7.27 11.52 -2.19
C TYR A 254 7.96 12.52 -1.27
N GLY A 255 9.14 12.98 -1.67
CA GLY A 255 9.88 13.91 -0.83
C GLY A 255 10.93 14.69 -1.59
N PHE A 256 11.52 15.61 -0.85
CA PHE A 256 12.49 16.53 -1.39
C PHE A 256 13.67 16.67 -0.47
N PRO A 257 14.84 16.94 -1.02
CA PRO A 257 16.01 17.10 -0.15
C PRO A 257 15.86 18.42 0.58
N SER A 258 16.65 18.64 1.63
CA SER A 258 16.61 19.90 2.35
C SER A 258 17.28 20.96 1.47
N PHE A 259 16.61 22.11 1.29
CA PHE A 259 17.18 23.20 0.51
C PHE A 259 17.56 24.32 1.48
N GLY A 260 18.83 24.67 1.52
CA GLY A 260 19.25 25.73 2.44
C GLY A 260 18.87 25.46 3.88
N GLY A 261 18.90 24.20 4.30
CA GLY A 261 18.56 23.87 5.68
C GLY A 261 17.08 23.88 6.06
N CYS A 262 16.18 23.93 5.08
CA CYS A 262 14.74 23.92 5.37
C CYS A 262 14.24 22.59 5.93
N GLY A 263 15.03 21.53 5.74
CA GLY A 263 14.63 20.22 6.22
C GLY A 263 14.05 19.39 5.07
N LEU A 264 14.22 18.08 5.14
CA LEU A 264 13.68 17.18 4.12
C LEU A 264 12.16 17.32 4.21
N LYS A 265 11.49 17.39 3.06
CA LYS A 265 10.04 17.52 3.04
C LYS A 265 9.46 16.19 2.57
N LEU A 266 8.34 15.78 3.18
CA LEU A 266 7.72 14.51 2.80
C LEU A 266 6.21 14.55 2.76
N GLY A 267 5.66 13.70 1.91
CA GLY A 267 4.22 13.59 1.77
C GLY A 267 3.82 12.15 1.50
N TYR A 268 2.64 11.78 1.98
CA TYR A 268 2.04 10.45 1.82
C TYR A 268 1.05 10.67 0.68
N HIS A 269 1.31 10.06 -0.46
CA HIS A 269 0.54 10.26 -1.69
C HIS A 269 -0.79 9.51 -1.88
N THR A 270 -0.83 8.26 -1.46
CA THR A 270 -2.02 7.45 -1.70
C THR A 270 -3.14 7.52 -0.67
N PHE A 271 -2.95 8.32 0.37
CA PHE A 271 -3.98 8.48 1.39
C PHE A 271 -4.17 9.95 1.72
N GLY A 272 -5.43 10.35 1.90
CA GLY A 272 -5.78 11.72 2.25
C GLY A 272 -7.24 11.70 2.67
N GLN A 273 -7.73 12.76 3.32
CA GLN A 273 -9.14 12.77 3.74
C GLN A 273 -10.01 13.35 2.65
N LYS A 274 -11.16 12.72 2.40
CA LYS A 274 -12.08 13.26 1.42
C LYS A 274 -12.61 14.54 2.05
N ILE A 275 -12.64 15.63 1.29
CA ILE A 275 -13.11 16.89 1.85
C ILE A 275 -13.80 17.73 0.79
N ASP A 276 -14.27 18.89 1.22
CA ASP A 276 -14.92 19.88 0.38
C ASP A 276 -13.94 21.06 0.45
N PRO A 277 -13.58 21.65 -0.70
CA PRO A 277 -12.63 22.78 -0.71
C PRO A 277 -13.06 24.01 0.12
N ASP A 278 -14.33 24.13 0.43
CA ASP A 278 -14.73 25.29 1.22
C ASP A 278 -14.83 25.02 2.72
N THR A 279 -14.69 23.75 3.13
CA THR A 279 -14.76 23.43 4.57
C THR A 279 -13.56 22.63 5.05
N ILE A 280 -12.59 22.41 4.17
CA ILE A 280 -11.38 21.66 4.55
C ILE A 280 -10.67 22.37 5.69
N ASN A 281 -10.10 21.60 6.63
CA ASN A 281 -9.36 22.17 7.74
C ASN A 281 -7.92 22.25 7.25
N ARG A 282 -7.43 23.48 7.06
CA ARG A 282 -6.09 23.67 6.53
C ARG A 282 -4.98 23.79 7.55
N GLU A 283 -5.24 23.36 8.79
CA GLU A 283 -4.20 23.42 9.80
C GLU A 283 -3.51 22.05 9.84
N PHE A 284 -2.18 22.05 9.73
CA PHE A 284 -1.44 20.79 9.76
C PHE A 284 -1.39 20.29 11.19
N GLY A 285 -1.57 18.99 11.39
CA GLY A 285 -1.50 18.40 12.71
C GLY A 285 -2.81 18.17 13.45
N VAL A 286 -3.92 18.68 12.92
CA VAL A 286 -5.20 18.46 13.60
C VAL A 286 -5.64 17.02 13.57
N TYR A 287 -5.14 16.24 12.62
CA TYR A 287 -5.46 14.81 12.58
C TYR A 287 -4.15 14.16 13.01
N PRO A 288 -4.20 13.19 13.93
CA PRO A 288 -2.95 12.56 14.37
C PRO A 288 -2.17 11.92 13.20
N GLU A 289 -2.87 11.49 12.15
CA GLU A 289 -2.21 10.88 10.99
C GLU A 289 -1.34 11.85 10.19
N ASP A 290 -1.63 13.15 10.28
CA ASP A 290 -0.85 14.13 9.54
C ASP A 290 0.65 13.93 9.75
N GLU A 291 1.04 13.84 11.01
CA GLU A 291 2.44 13.69 11.32
C GLU A 291 2.90 12.24 11.47
N SER A 292 2.04 11.37 11.97
CA SER A 292 2.47 9.98 12.17
C SER A 292 2.67 9.17 10.89
N ASN A 293 1.89 9.44 9.83
CA ASN A 293 2.10 8.67 8.60
C ASN A 293 3.46 9.04 7.98
N LEU A 294 3.89 10.28 8.18
CA LEU A 294 5.16 10.71 7.65
C LEU A 294 6.34 10.11 8.44
N ARG A 295 6.29 10.17 9.77
CA ARG A 295 7.37 9.62 10.58
C ARG A 295 7.44 8.09 10.43
N ALA A 296 6.29 7.47 10.21
CA ALA A 296 6.25 6.02 10.00
C ALA A 296 7.16 5.65 8.84
N PHE A 297 7.13 6.48 7.79
CA PHE A 297 7.99 6.26 6.63
C PHE A 297 9.45 6.60 6.94
N LEU A 298 9.66 7.80 7.48
CA LEU A 298 11.01 8.27 7.78
C LEU A 298 11.83 7.35 8.68
N GLU A 299 11.27 6.94 9.82
CA GLU A 299 12.04 6.08 10.75
C GLU A 299 12.49 4.78 10.09
N GLU A 300 11.74 4.31 9.11
CA GLU A 300 12.08 3.08 8.41
C GLU A 300 13.04 3.30 7.22
N TYR A 301 12.80 4.31 6.38
CA TYR A 301 13.61 4.53 5.17
C TYR A 301 14.63 5.69 5.08
N MET A 302 14.45 6.73 5.89
CA MET A 302 15.32 7.91 5.92
C MET A 302 15.38 8.31 7.39
N PRO A 303 15.96 7.42 8.21
CA PRO A 303 16.06 7.67 9.64
C PRO A 303 16.78 8.92 10.09
N GLY A 304 17.75 9.41 9.34
CA GLY A 304 18.44 10.62 9.74
C GLY A 304 17.66 11.90 9.40
N ALA A 305 16.47 11.72 8.81
CA ALA A 305 15.65 12.88 8.46
C ALA A 305 14.33 12.84 9.22
N ASN A 306 14.38 12.41 10.49
CA ASN A 306 13.19 12.25 11.31
C ASN A 306 13.24 13.10 12.58
N GLY A 307 13.72 14.33 12.45
CA GLY A 307 13.82 15.19 13.62
C GLY A 307 12.60 16.03 13.88
N GLU A 308 12.79 17.17 14.53
CA GLU A 308 11.68 18.05 14.84
C GLU A 308 10.93 18.52 13.61
N LEU A 309 9.61 18.59 13.73
CA LEU A 309 8.79 19.06 12.64
C LEU A 309 9.05 20.56 12.57
N LYS A 310 9.51 21.03 11.41
CA LYS A 310 9.83 22.45 11.24
C LYS A 310 8.67 23.22 10.64
N ARG A 311 7.90 22.56 9.80
CA ARG A 311 6.81 23.23 9.13
C ARG A 311 5.88 22.20 8.50
N GLY A 312 4.60 22.57 8.41
CA GLY A 312 3.63 21.68 7.79
C GLY A 312 2.77 22.52 6.87
N ALA A 313 2.15 21.90 5.86
CA ALA A 313 1.26 22.61 4.94
C ALA A 313 0.11 21.65 4.63
N VAL A 314 -1.04 22.19 4.24
CA VAL A 314 -2.21 21.37 3.93
C VAL A 314 -2.65 21.80 2.57
N CYS A 315 -2.74 20.83 1.66
CA CYS A 315 -3.08 21.19 0.31
C CYS A 315 -4.06 20.18 -0.30
N MET A 316 -4.53 20.41 -1.53
CA MET A 316 -5.54 19.48 -2.08
C MET A 316 -5.28 18.81 -3.42
N TYR A 317 -5.71 17.54 -3.55
CA TYR A 317 -5.63 16.82 -4.83
C TYR A 317 -7.08 16.80 -5.29
N THR A 318 -7.30 16.71 -6.59
CA THR A 318 -8.67 16.59 -7.10
C THR A 318 -8.55 15.40 -8.05
N LYS A 319 -9.07 14.26 -7.62
CA LYS A 319 -8.97 13.03 -8.39
C LYS A 319 -10.15 12.68 -9.26
N THR A 320 -9.82 12.10 -10.41
CA THR A 320 -10.80 11.59 -11.37
C THR A 320 -10.78 10.08 -11.10
N LEU A 321 -11.77 9.33 -11.60
CA LEU A 321 -11.81 7.91 -11.33
C LEU A 321 -10.58 7.13 -11.79
N ASP A 322 -9.98 7.51 -12.92
CA ASP A 322 -8.79 6.83 -13.42
C ASP A 322 -7.48 7.56 -13.07
N GLU A 323 -7.60 8.67 -12.34
CA GLU A 323 -6.44 9.47 -11.95
C GLU A 323 -5.62 10.08 -13.10
N HIS A 324 -6.26 10.22 -14.26
CA HIS A 324 -5.64 10.86 -15.41
C HIS A 324 -6.38 12.22 -15.53
N PHE A 325 -5.71 13.22 -16.05
CA PHE A 325 -6.28 14.56 -16.15
C PHE A 325 -7.45 14.71 -17.14
N ILE A 326 -8.03 15.89 -17.14
CA ILE A 326 -9.11 16.22 -18.06
C ILE A 326 -8.64 17.53 -18.68
N ILE A 327 -8.41 17.49 -19.99
CA ILE A 327 -7.99 18.67 -20.72
C ILE A 327 -8.68 18.49 -22.05
N ASP A 328 -9.67 19.33 -22.31
CA ASP A 328 -10.44 19.14 -23.52
C ASP A 328 -11.44 20.28 -23.64
N LEU A 329 -12.12 20.33 -24.79
CA LEU A 329 -13.15 21.33 -25.01
C LEU A 329 -14.40 20.81 -24.33
N HIS A 330 -15.27 21.71 -23.90
CA HIS A 330 -16.53 21.32 -23.29
C HIS A 330 -17.29 20.58 -24.41
N PRO A 331 -17.76 19.35 -24.14
CA PRO A 331 -18.49 18.62 -25.19
C PRO A 331 -19.61 19.38 -25.93
N GLU A 332 -20.26 20.32 -25.24
CA GLU A 332 -21.34 21.10 -25.87
C GLU A 332 -20.92 22.49 -26.33
N HIS A 333 -19.77 22.96 -25.88
CA HIS A 333 -19.34 24.30 -26.27
C HIS A 333 -17.88 24.32 -26.71
N SER A 334 -17.65 24.54 -27.99
CA SER A 334 -16.30 24.52 -28.51
C SER A 334 -15.53 25.75 -28.04
N ASN A 335 -16.24 26.70 -27.44
CA ASN A 335 -15.60 27.93 -26.94
C ASN A 335 -15.35 27.92 -25.43
N VAL A 336 -15.36 26.73 -24.85
CA VAL A 336 -15.08 26.59 -23.42
C VAL A 336 -14.07 25.45 -23.28
N VAL A 337 -12.97 25.75 -22.60
CA VAL A 337 -11.91 24.77 -22.41
C VAL A 337 -11.90 24.35 -20.95
N ILE A 338 -11.77 23.05 -20.70
CA ILE A 338 -11.78 22.56 -19.32
C ILE A 338 -10.45 21.91 -19.00
N ALA A 339 -9.94 22.22 -17.82
CA ALA A 339 -8.69 21.65 -17.31
C ALA A 339 -9.02 21.27 -15.85
N ALA A 340 -9.13 19.99 -15.58
CA ALA A 340 -9.47 19.55 -14.21
C ALA A 340 -8.96 18.18 -13.83
N GLY A 341 -9.19 17.77 -12.58
CA GLY A 341 -8.80 16.45 -12.11
C GLY A 341 -7.36 16.04 -12.21
N PHE A 342 -6.47 16.95 -11.84
CA PHE A 342 -5.06 16.64 -11.97
C PHE A 342 -4.55 15.55 -11.03
N SER A 343 -5.47 15.05 -10.21
CA SER A 343 -5.23 13.93 -9.33
C SER A 343 -3.92 13.88 -8.57
N GLY A 344 -3.47 15.02 -8.09
CA GLY A 344 -2.27 15.04 -7.29
C GLY A 344 -0.91 14.97 -7.96
N HIS A 345 -0.87 14.95 -9.29
CA HIS A 345 0.42 14.90 -10.00
C HIS A 345 0.48 15.79 -11.25
N GLY A 346 -0.26 16.89 -11.25
CA GLY A 346 -0.25 17.75 -12.41
C GLY A 346 0.65 18.98 -12.44
N PHE A 347 1.16 19.45 -11.32
CA PHE A 347 1.93 20.69 -11.40
C PHE A 347 3.10 20.66 -12.37
N LYS A 348 3.86 19.56 -12.35
CA LYS A 348 5.01 19.43 -13.25
C LYS A 348 4.63 19.67 -14.70
N PHE A 349 3.36 19.42 -15.07
CA PHE A 349 2.94 19.61 -16.45
C PHE A 349 2.30 20.97 -16.70
N SER A 350 2.15 21.77 -15.65
CA SER A 350 1.44 23.04 -15.79
C SER A 350 1.94 23.95 -16.90
N SER A 351 3.25 23.99 -17.17
CA SER A 351 3.77 24.81 -18.24
C SER A 351 3.26 24.28 -19.58
N GLY A 352 3.39 22.97 -19.79
CA GLY A 352 2.93 22.35 -21.01
C GLY A 352 1.41 22.48 -21.14
N VAL A 353 0.69 22.34 -20.03
CA VAL A 353 -0.77 22.46 -20.05
C VAL A 353 -1.21 23.88 -20.40
N GLY A 354 -0.49 24.90 -19.93
CA GLY A 354 -0.89 26.25 -20.27
C GLY A 354 -0.81 26.46 -21.79
N GLU A 355 0.19 25.81 -22.40
CA GLU A 355 0.39 25.91 -23.83
C GLU A 355 -0.77 25.21 -24.52
N VAL A 356 -1.12 24.03 -24.01
CA VAL A 356 -2.23 23.28 -24.57
C VAL A 356 -3.54 24.07 -24.46
N LEU A 357 -3.79 24.63 -23.29
CA LEU A 357 -5.03 25.38 -23.09
C LEU A 357 -5.12 26.59 -24.00
N SER A 358 -3.97 27.23 -24.24
N SER A 358 -3.99 27.25 -24.25
CA SER A 358 -3.91 28.42 -25.09
CA SER A 358 -3.97 28.44 -25.10
C SER A 358 -4.27 28.05 -26.52
C SER A 358 -4.30 28.04 -26.53
N GLN A 359 -3.75 26.91 -26.97
CA GLN A 359 -3.99 26.41 -28.30
C GLN A 359 -5.47 26.03 -28.46
N LEU A 360 -6.04 25.36 -27.45
CA LEU A 360 -7.45 24.95 -27.49
C LEU A 360 -8.39 26.14 -27.51
N ALA A 361 -8.08 27.17 -26.74
CA ALA A 361 -8.92 28.38 -26.69
C ALA A 361 -8.86 29.15 -27.99
N LEU A 362 -7.68 29.25 -28.58
CA LEU A 362 -7.51 30.02 -29.82
C LEU A 362 -7.90 29.28 -31.09
N THR A 363 -7.62 27.98 -31.15
CA THR A 363 -7.88 27.24 -32.38
C THR A 363 -8.84 26.06 -32.30
N GLY A 364 -9.26 25.71 -31.09
CA GLY A 364 -10.14 24.57 -30.93
C GLY A 364 -9.38 23.25 -31.05
N LYS A 365 -8.06 23.32 -31.17
CA LYS A 365 -7.21 22.13 -31.30
C LYS A 365 -5.86 22.38 -30.67
N THR A 366 -5.06 21.33 -30.56
CA THR A 366 -3.73 21.47 -30.00
C THR A 366 -2.78 20.58 -30.79
N GLU A 367 -1.50 20.92 -30.81
CA GLU A 367 -0.53 20.11 -31.54
C GLU A 367 -0.15 18.90 -30.66
N HIS A 368 -0.44 18.96 -29.37
CA HIS A 368 -0.12 17.84 -28.48
C HIS A 368 -1.20 16.74 -28.56
N ASP A 369 -0.78 15.49 -28.29
CA ASP A 369 -1.72 14.38 -28.27
C ASP A 369 -2.29 14.37 -26.87
N ILE A 370 -3.55 14.77 -26.74
CA ILE A 370 -4.18 14.82 -25.42
C ILE A 370 -5.34 13.86 -25.31
N SER A 371 -5.37 12.88 -26.21
CA SER A 371 -6.46 11.91 -26.21
C SER A 371 -6.62 11.21 -24.86
N ILE A 372 -5.52 10.95 -24.14
CA ILE A 372 -5.66 10.27 -22.85
C ILE A 372 -6.39 11.13 -21.82
N PHE A 373 -6.51 12.42 -22.09
CA PHE A 373 -7.18 13.34 -21.17
C PHE A 373 -8.57 13.74 -21.66
N SER A 374 -9.10 12.99 -22.62
CA SER A 374 -10.41 13.28 -23.18
C SER A 374 -11.51 13.34 -22.13
N ILE A 375 -12.37 14.36 -22.22
CA ILE A 375 -13.46 14.50 -21.27
C ILE A 375 -14.58 13.50 -21.58
N ASN A 376 -14.49 12.82 -22.72
CA ASN A 376 -15.47 11.82 -23.15
C ASN A 376 -15.03 10.38 -22.95
N ARG A 377 -13.88 10.16 -22.31
CA ARG A 377 -13.41 8.80 -22.10
C ARG A 377 -14.31 8.08 -21.09
N PRO A 378 -14.59 6.78 -21.34
CA PRO A 378 -15.44 5.93 -20.50
C PRO A 378 -15.01 5.80 -19.03
N ALA A 379 -13.71 5.72 -18.80
CA ALA A 379 -13.20 5.52 -17.45
C ALA A 379 -13.51 6.70 -16.54
N LEU A 380 -13.80 7.83 -17.16
CA LEU A 380 -14.11 9.05 -16.43
C LEU A 380 -15.52 9.02 -15.82
N LYS A 381 -16.45 8.38 -16.55
N LYS A 381 -16.46 8.40 -16.54
CA LYS A 381 -17.85 8.29 -16.15
CA LYS A 381 -17.84 8.29 -16.12
C LYS A 381 -18.51 9.67 -16.21
C LYS A 381 -18.51 9.67 -16.21
N GLU A 382 -18.22 10.41 -17.29
CA GLU A 382 -18.77 11.75 -17.50
C GLU A 382 -20.22 11.78 -17.97
N SER A 383 -20.87 12.93 -17.75
CA SER A 383 -22.26 13.11 -18.13
C SER A 383 -22.67 14.59 -18.08
N LEU A 384 -23.88 14.87 -18.56
CA LEU A 384 -24.46 16.20 -18.57
C LEU A 384 -25.82 16.10 -17.86
N GLN A 385 -26.33 17.22 -17.34
CA GLN A 385 -27.63 17.21 -16.65
C GLN A 385 -28.80 17.22 -17.63
N SER B 1 15.76 -35.89 33.23
CA SER B 1 15.80 -37.20 33.93
C SER B 1 14.75 -38.16 33.38
N THR B 2 13.92 -37.69 32.47
CA THR B 2 12.92 -38.56 31.87
C THR B 2 13.18 -38.57 30.38
N HIS B 3 13.25 -39.76 29.78
CA HIS B 3 13.59 -39.78 28.38
C HIS B 3 12.39 -39.88 27.49
N PHE B 4 12.48 -39.23 26.34
CA PHE B 4 11.43 -39.25 25.35
C PHE B 4 12.11 -39.51 24.01
N ASP B 5 11.35 -39.95 23.02
CA ASP B 5 11.90 -40.19 21.70
C ASP B 5 12.11 -38.82 21.09
N VAL B 6 11.09 -37.98 21.23
CA VAL B 6 11.10 -36.62 20.68
C VAL B 6 10.49 -35.59 21.63
N ILE B 7 11.14 -34.43 21.72
CA ILE B 7 10.63 -33.33 22.52
C ILE B 7 10.27 -32.17 21.56
N VAL B 8 9.04 -31.67 21.67
CA VAL B 8 8.59 -30.53 20.88
C VAL B 8 8.53 -29.34 21.83
N VAL B 9 9.30 -28.30 21.55
CA VAL B 9 9.27 -27.10 22.39
C VAL B 9 8.43 -26.04 21.67
N GLY B 10 7.27 -25.75 22.25
CA GLY B 10 6.34 -24.81 21.66
C GLY B 10 5.24 -25.64 21.00
N ALA B 11 4.15 -25.87 21.71
CA ALA B 11 3.04 -26.69 21.22
C ALA B 11 1.89 -25.89 20.65
N GLY B 12 2.20 -25.06 19.65
CA GLY B 12 1.17 -24.26 19.02
C GLY B 12 0.79 -24.84 17.67
N SER B 13 0.50 -23.96 16.71
CA SER B 13 0.10 -24.39 15.37
C SER B 13 0.98 -25.49 14.79
N MET B 14 2.29 -25.27 14.75
CA MET B 14 3.20 -26.24 14.15
C MET B 14 3.56 -27.38 15.10
N GLY B 15 3.85 -27.03 16.35
CA GLY B 15 4.21 -28.03 17.33
C GLY B 15 3.14 -29.05 17.63
N MET B 16 1.91 -28.61 17.88
CA MET B 16 0.85 -29.58 18.18
C MET B 16 0.59 -30.53 17.00
N ALA B 17 0.63 -30.00 15.77
CA ALA B 17 0.44 -30.80 14.58
C ALA B 17 1.53 -31.87 14.51
N ALA B 18 2.78 -31.45 14.75
CA ALA B 18 3.91 -32.37 14.74
C ALA B 18 3.76 -33.44 15.86
N GLY B 19 3.32 -33.01 17.04
CA GLY B 19 3.14 -33.95 18.14
C GLY B 19 2.05 -34.96 17.76
N TYR B 20 1.03 -34.50 17.05
CA TYR B 20 -0.03 -35.44 16.63
C TYR B 20 0.54 -36.45 15.63
N GLN B 21 1.30 -35.97 14.64
CA GLN B 21 1.88 -36.87 13.65
C GLN B 21 2.82 -37.90 14.33
N LEU B 22 3.62 -37.43 15.27
CA LEU B 22 4.55 -38.33 15.99
C LEU B 22 3.82 -39.36 16.86
N ALA B 23 2.87 -38.90 17.66
CA ALA B 23 2.13 -39.78 18.56
C ALA B 23 1.38 -40.86 17.76
N LYS B 24 0.82 -40.48 16.62
CA LYS B 24 0.08 -41.41 15.78
C LYS B 24 1.00 -42.58 15.35
N GLN B 25 2.31 -42.35 15.33
CA GLN B 25 3.25 -43.39 14.92
C GLN B 25 3.90 -44.13 16.08
N GLY B 26 3.33 -44.00 17.26
CA GLY B 26 3.88 -44.68 18.41
C GLY B 26 5.19 -44.08 18.89
N VAL B 27 5.50 -42.85 18.46
CA VAL B 27 6.74 -42.18 18.88
C VAL B 27 6.48 -41.51 20.23
N LYS B 28 7.23 -41.89 21.27
CA LYS B 28 7.06 -41.32 22.62
C LYS B 28 7.43 -39.83 22.59
N THR B 29 6.41 -38.99 22.62
CA THR B 29 6.58 -37.55 22.52
C THR B 29 6.19 -36.69 23.73
N LEU B 30 7.03 -35.69 24.01
CA LEU B 30 6.78 -34.72 25.07
C LEU B 30 6.61 -33.34 24.38
N LEU B 31 5.50 -32.65 24.64
CA LEU B 31 5.30 -31.33 24.06
C LEU B 31 5.30 -30.32 25.21
N VAL B 32 6.18 -29.33 25.16
CA VAL B 32 6.26 -28.35 26.21
C VAL B 32 5.79 -26.97 25.70
N ASP B 33 4.93 -26.31 26.46
CA ASP B 33 4.42 -24.99 26.08
C ASP B 33 4.45 -24.02 27.25
N ALA B 34 4.72 -22.76 26.94
CA ALA B 34 4.76 -21.69 27.94
C ALA B 34 3.38 -21.38 28.49
N PHE B 35 2.34 -21.79 27.77
CA PHE B 35 0.97 -21.57 28.21
C PHE B 35 0.21 -22.88 28.08
N ASP B 36 -1.09 -22.81 27.78
CA ASP B 36 -1.93 -24.01 27.68
C ASP B 36 -2.71 -23.92 26.36
N PRO B 37 -2.12 -24.42 25.26
CA PRO B 37 -2.75 -24.39 23.92
C PRO B 37 -4.05 -25.16 23.75
N PRO B 38 -4.99 -24.60 23.00
CA PRO B 38 -4.85 -23.29 22.34
C PRO B 38 -5.05 -22.15 23.35
N HIS B 39 -4.30 -21.06 23.18
CA HIS B 39 -4.41 -19.91 24.06
C HIS B 39 -4.44 -18.61 23.25
N THR B 40 -4.49 -17.46 23.94
CA THR B 40 -4.56 -16.17 23.24
C THR B 40 -3.28 -15.34 23.33
N ASN B 41 -2.16 -15.98 23.65
CA ASN B 41 -0.89 -15.29 23.80
C ASN B 41 0.07 -15.48 22.64
N GLY B 42 -0.25 -16.41 21.74
CA GLY B 42 0.61 -16.69 20.61
C GLY B 42 0.09 -16.13 19.30
N SER B 43 0.18 -16.95 18.25
CA SER B 43 -0.25 -16.53 16.91
C SER B 43 -1.43 -17.33 16.33
N HIS B 44 -2.17 -18.07 17.15
CA HIS B 44 -3.24 -18.90 16.61
C HIS B 44 -4.68 -18.66 17.03
N HIS B 45 -4.92 -17.61 17.82
CA HIS B 45 -6.28 -17.35 18.24
C HIS B 45 -6.96 -16.38 17.30
N GLY B 46 -8.17 -15.95 17.66
CA GLY B 46 -8.92 -15.08 16.79
C GLY B 46 -9.92 -15.96 16.03
N ASP B 47 -10.06 -17.20 16.48
CA ASP B 47 -11.01 -18.18 15.93
C ASP B 47 -10.80 -18.78 14.54
N THR B 48 -10.68 -17.91 13.53
CA THR B 48 -10.57 -18.33 12.15
C THR B 48 -9.27 -17.99 11.40
N ARG B 49 -8.97 -18.80 10.40
CA ARG B 49 -7.79 -18.63 9.56
C ARG B 49 -8.15 -19.00 8.13
N ILE B 50 -7.66 -18.25 7.18
CA ILE B 50 -7.94 -18.53 5.78
C ILE B 50 -6.98 -19.56 5.22
N ILE B 51 -7.49 -20.48 4.40
CA ILE B 51 -6.59 -21.37 3.70
C ILE B 51 -6.86 -21.11 2.23
N ARG B 52 -5.80 -20.87 1.46
CA ARG B 52 -5.89 -20.65 0.01
C ARG B 52 -4.99 -21.72 -0.63
N HIS B 53 -5.24 -22.03 -1.91
CA HIS B 53 -4.41 -23.02 -2.62
C HIS B 53 -3.62 -22.25 -3.68
N ALA B 54 -4.30 -21.55 -4.57
CA ALA B 54 -3.62 -20.69 -5.57
C ALA B 54 -2.94 -19.68 -4.65
N TYR B 55 -1.60 -19.64 -4.66
CA TYR B 55 -0.90 -18.80 -3.69
C TYR B 55 -0.17 -17.56 -4.20
N GLY B 56 -0.74 -16.39 -3.87
CA GLY B 56 -0.18 -15.12 -4.26
C GLY B 56 1.23 -14.87 -3.75
N GLU B 57 1.57 -15.39 -2.58
CA GLU B 57 2.91 -15.20 -2.03
C GLU B 57 3.94 -15.94 -2.87
N GLY B 58 3.47 -16.90 -3.67
CA GLY B 58 4.36 -17.67 -4.51
C GLY B 58 3.76 -19.01 -4.90
N ARG B 59 3.74 -19.30 -6.19
CA ARG B 59 3.19 -20.56 -6.70
C ARG B 59 3.85 -21.80 -6.10
N GLU B 60 5.10 -21.66 -5.61
CA GLU B 60 5.84 -22.81 -5.06
C GLU B 60 5.23 -23.38 -3.77
N TYR B 61 4.31 -22.64 -3.17
CA TYR B 61 3.64 -23.07 -1.93
C TYR B 61 2.43 -23.97 -2.23
N VAL B 62 1.99 -24.00 -3.49
CA VAL B 62 0.80 -24.78 -3.84
C VAL B 62 0.82 -26.23 -3.38
N PRO B 63 1.91 -26.97 -3.65
CA PRO B 63 1.94 -28.38 -3.21
C PRO B 63 1.66 -28.57 -1.69
N LEU B 64 2.27 -27.74 -0.85
CA LEU B 64 2.09 -27.86 0.60
C LEU B 64 0.69 -27.42 1.00
N ALA B 65 0.12 -26.47 0.25
CA ALA B 65 -1.25 -26.02 0.56
C ALA B 65 -2.24 -27.14 0.22
N LEU B 66 -2.02 -27.81 -0.91
CA LEU B 66 -2.91 -28.90 -1.32
C LEU B 66 -2.81 -30.06 -0.34
N ARG B 67 -1.60 -30.35 0.11
CA ARG B 67 -1.42 -31.43 1.07
C ARG B 67 -2.02 -31.04 2.43
N SER B 68 -1.87 -29.77 2.83
CA SER B 68 -2.43 -29.36 4.11
C SER B 68 -3.95 -29.46 4.05
N GLN B 69 -4.52 -29.07 2.92
CA GLN B 69 -5.96 -29.16 2.73
C GLN B 69 -6.44 -30.62 2.91
N GLU B 70 -5.68 -31.56 2.34
CA GLU B 70 -6.03 -32.98 2.45
C GLU B 70 -6.00 -33.36 3.92
N LEU B 71 -4.99 -32.87 4.62
CA LEU B 71 -4.85 -33.20 6.05
C LEU B 71 -5.95 -32.59 6.91
N TRP B 72 -6.43 -31.38 6.57
CA TRP B 72 -7.49 -30.79 7.36
C TRP B 72 -8.78 -31.62 7.16
N TYR B 73 -9.05 -32.08 5.94
CA TYR B 73 -10.22 -32.94 5.72
C TYR B 73 -10.09 -34.22 6.56
N GLU B 74 -8.86 -34.75 6.69
CA GLU B 74 -8.65 -35.93 7.50
C GLU B 74 -8.98 -35.60 8.94
N LEU B 75 -8.45 -34.46 9.43
CA LEU B 75 -8.69 -34.06 10.80
C LEU B 75 -10.18 -33.91 11.08
N GLU B 76 -10.93 -33.30 10.15
CA GLU B 76 -12.36 -33.11 10.36
C GLU B 76 -13.05 -34.44 10.68
N LYS B 77 -12.61 -35.50 10.02
CA LYS B 77 -13.19 -36.82 10.21
C LYS B 77 -12.84 -37.50 11.52
N GLU B 78 -11.70 -37.12 12.10
CA GLU B 78 -11.20 -37.72 13.32
C GLU B 78 -11.66 -37.10 14.64
N THR B 79 -12.20 -35.88 14.59
CA THR B 79 -12.60 -35.22 15.83
C THR B 79 -14.01 -34.66 15.80
N HIS B 80 -14.57 -34.36 16.97
CA HIS B 80 -15.92 -33.77 17.02
C HIS B 80 -15.83 -32.25 16.86
N HIS B 81 -14.63 -31.69 16.99
CA HIS B 81 -14.46 -30.24 16.84
C HIS B 81 -14.60 -29.87 15.35
N LYS B 82 -15.15 -28.70 15.07
CA LYS B 82 -15.31 -28.25 13.69
C LYS B 82 -13.94 -27.79 13.21
N ILE B 83 -13.53 -28.24 12.03
CA ILE B 83 -12.22 -27.89 11.49
C ILE B 83 -12.23 -26.93 10.29
N PHE B 84 -13.05 -27.22 9.28
CA PHE B 84 -13.05 -26.45 8.03
C PHE B 84 -14.41 -26.17 7.39
N THR B 85 -14.59 -24.94 6.90
CA THR B 85 -15.82 -24.57 6.19
C THR B 85 -15.39 -24.07 4.82
N LYS B 86 -15.96 -24.64 3.76
CA LYS B 86 -15.55 -24.27 2.40
C LYS B 86 -16.22 -23.01 1.90
N THR B 87 -15.78 -21.86 2.40
CA THR B 87 -16.32 -20.56 2.05
C THR B 87 -15.87 -20.08 0.66
N GLY B 88 -14.77 -20.63 0.16
CA GLY B 88 -14.22 -20.16 -1.08
C GLY B 88 -13.44 -18.93 -0.65
N VAL B 89 -12.43 -18.53 -1.42
CA VAL B 89 -11.66 -17.33 -1.08
C VAL B 89 -11.51 -16.46 -2.30
N LEU B 90 -11.90 -15.20 -2.13
CA LEU B 90 -11.84 -14.18 -3.18
C LEU B 90 -10.58 -13.33 -3.04
N VAL B 91 -9.85 -13.17 -4.14
CA VAL B 91 -8.63 -12.35 -4.20
C VAL B 91 -8.88 -11.29 -5.28
N PHE B 92 -8.77 -10.01 -4.93
CA PHE B 92 -8.95 -8.96 -5.93
C PHE B 92 -7.98 -7.80 -5.74
N GLY B 93 -7.88 -6.94 -6.75
CA GLY B 93 -6.99 -5.79 -6.68
C GLY B 93 -7.11 -4.95 -7.94
N PRO B 94 -6.42 -3.79 -7.99
CA PRO B 94 -6.53 -2.97 -9.21
C PRO B 94 -5.89 -3.74 -10.34
N LYS B 95 -6.55 -3.78 -11.49
CA LYS B 95 -6.02 -4.51 -12.65
C LYS B 95 -4.59 -4.07 -12.97
N GLY B 96 -3.70 -5.03 -13.17
CA GLY B 96 -2.32 -4.72 -13.51
C GLY B 96 -1.53 -4.01 -12.44
N GLU B 97 -2.06 -3.93 -11.24
CA GLU B 97 -1.36 -3.26 -10.17
C GLU B 97 -1.25 -4.05 -8.90
N SER B 98 -1.21 -5.36 -9.02
CA SER B 98 -1.06 -6.19 -7.83
C SER B 98 -0.25 -7.45 -8.14
N ALA B 99 0.96 -7.51 -7.63
CA ALA B 99 1.82 -8.67 -7.84
C ALA B 99 1.13 -9.85 -7.18
N PHE B 100 0.46 -9.57 -6.06
CA PHE B 100 -0.23 -10.62 -5.31
C PHE B 100 -1.32 -11.28 -6.17
N VAL B 101 -2.20 -10.46 -6.74
CA VAL B 101 -3.27 -10.98 -7.59
C VAL B 101 -2.70 -11.70 -8.82
N ALA B 102 -1.64 -11.13 -9.42
CA ALA B 102 -1.04 -11.72 -10.60
C ALA B 102 -0.41 -13.07 -10.33
N GLU B 103 0.28 -13.21 -9.20
CA GLU B 103 0.90 -14.51 -8.88
C GLU B 103 -0.19 -15.53 -8.50
N THR B 104 -1.29 -15.05 -7.91
CA THR B 104 -2.38 -15.95 -7.54
C THR B 104 -2.88 -16.54 -8.86
N MET B 105 -3.07 -15.66 -9.86
CA MET B 105 -3.56 -16.11 -11.16
C MET B 105 -2.60 -17.07 -11.83
N GLU B 106 -1.29 -16.79 -11.72
CA GLU B 106 -0.30 -17.68 -12.32
C GLU B 106 -0.22 -18.99 -11.61
N ALA B 107 -0.29 -18.96 -10.28
CA ALA B 107 -0.21 -20.19 -9.50
C ALA B 107 -1.37 -21.11 -9.89
N ALA B 108 -2.56 -20.53 -10.06
CA ALA B 108 -3.73 -21.32 -10.44
C ALA B 108 -3.51 -21.99 -11.78
N LYS B 109 -3.00 -21.25 -12.77
CA LYS B 109 -2.77 -21.83 -14.08
C LYS B 109 -1.70 -22.91 -14.00
N GLU B 110 -0.59 -22.61 -13.36
CA GLU B 110 0.50 -23.59 -13.29
C GLU B 110 0.12 -24.90 -12.62
N HIS B 111 -0.80 -24.88 -11.67
CA HIS B 111 -1.20 -26.10 -10.99
C HIS B 111 -2.62 -26.56 -11.34
N SER B 112 -3.15 -26.03 -12.45
CA SER B 112 -4.50 -26.37 -12.91
C SER B 112 -5.55 -26.37 -11.80
N LEU B 113 -5.63 -25.28 -11.02
CA LEU B 113 -6.59 -25.20 -9.94
C LEU B 113 -7.91 -24.68 -10.49
N THR B 114 -9.00 -25.03 -9.82
CA THR B 114 -10.32 -24.57 -10.24
C THR B 114 -10.59 -23.16 -9.73
N VAL B 115 -10.72 -22.19 -10.62
CA VAL B 115 -10.95 -20.82 -10.18
C VAL B 115 -11.84 -20.08 -11.15
N ASP B 116 -12.42 -18.97 -10.68
CA ASP B 116 -13.28 -18.13 -11.51
C ASP B 116 -12.55 -16.80 -11.64
N LEU B 117 -12.51 -16.25 -12.84
CA LEU B 117 -11.88 -14.96 -13.09
C LEU B 117 -13.00 -13.99 -13.40
N LEU B 118 -12.98 -12.84 -12.74
CA LEU B 118 -14.00 -11.83 -12.98
C LEU B 118 -13.43 -10.45 -12.70
N GLU B 119 -14.14 -9.42 -13.13
CA GLU B 119 -13.68 -8.06 -12.90
C GLU B 119 -14.78 -7.02 -12.83
N GLY B 120 -14.39 -5.84 -12.35
CA GLY B 120 -15.30 -4.74 -12.24
C GLY B 120 -16.63 -5.04 -11.59
N ASP B 121 -17.69 -4.56 -12.23
CA ASP B 121 -19.03 -4.75 -11.72
C ASP B 121 -19.42 -6.20 -11.53
N GLU B 122 -18.73 -7.12 -12.23
CA GLU B 122 -19.03 -8.54 -12.08
C GLU B 122 -18.78 -8.96 -10.63
N ILE B 123 -17.77 -8.38 -10.01
CA ILE B 123 -17.45 -8.73 -8.63
C ILE B 123 -18.60 -8.26 -7.73
N ASN B 124 -19.00 -6.99 -7.89
CA ASN B 124 -20.07 -6.40 -7.09
C ASN B 124 -21.43 -7.08 -7.34
N LYS B 125 -21.63 -7.56 -8.57
CA LYS B 125 -22.87 -8.24 -8.92
C LYS B 125 -22.92 -9.62 -8.25
N ARG B 126 -21.85 -10.38 -8.37
CA ARG B 126 -21.82 -11.71 -7.77
C ARG B 126 -21.95 -11.68 -6.25
N TRP B 127 -21.28 -10.74 -5.59
CA TRP B 127 -21.35 -10.63 -4.13
C TRP B 127 -21.89 -9.29 -3.63
N PRO B 128 -23.23 -9.18 -3.45
CA PRO B 128 -23.79 -7.94 -2.95
C PRO B 128 -23.06 -7.68 -1.63
N GLY B 129 -22.62 -6.45 -1.41
CA GLY B 129 -21.89 -6.16 -0.19
C GLY B 129 -20.44 -5.78 -0.49
N ILE B 130 -19.99 -6.08 -1.70
CA ILE B 130 -18.63 -5.72 -2.11
C ILE B 130 -18.76 -4.61 -3.16
N THR B 131 -17.99 -3.54 -2.96
CA THR B 131 -18.02 -2.43 -3.91
C THR B 131 -16.60 -2.06 -4.28
N VAL B 132 -16.10 -2.60 -5.39
CA VAL B 132 -14.76 -2.29 -5.86
C VAL B 132 -14.86 -1.41 -7.11
N PRO B 133 -13.79 -0.67 -7.45
CA PRO B 133 -13.83 0.19 -8.65
C PRO B 133 -13.89 -0.72 -9.88
N GLU B 134 -14.30 -0.16 -11.01
CA GLU B 134 -14.42 -0.95 -12.24
C GLU B 134 -13.11 -1.42 -12.80
N ASN B 135 -12.01 -0.83 -12.36
CA ASN B 135 -10.69 -1.20 -12.86
C ASN B 135 -10.06 -2.33 -12.06
N TYR B 136 -10.83 -2.92 -11.14
CA TYR B 136 -10.35 -4.04 -10.33
C TYR B 136 -10.68 -5.37 -10.99
N ASN B 137 -9.82 -6.36 -10.81
CA ASN B 137 -10.09 -7.69 -11.32
C ASN B 137 -9.95 -8.64 -10.14
N ALA B 138 -10.37 -9.87 -10.31
CA ALA B 138 -10.31 -10.81 -9.23
C ALA B 138 -10.20 -12.24 -9.70
N ILE B 139 -9.79 -13.11 -8.77
CA ILE B 139 -9.70 -14.55 -9.00
C ILE B 139 -10.32 -15.14 -7.72
N PHE B 140 -11.38 -15.92 -7.91
CA PHE B 140 -12.09 -16.58 -6.82
C PHE B 140 -11.77 -18.08 -6.85
N GLU B 141 -11.48 -18.62 -5.67
CA GLU B 141 -11.16 -20.04 -5.51
C GLU B 141 -12.31 -20.67 -4.71
N PRO B 142 -13.24 -21.36 -5.41
CA PRO B 142 -14.37 -21.97 -4.69
C PRO B 142 -14.06 -23.06 -3.69
N ASN B 143 -12.96 -23.79 -3.88
CA ASN B 143 -12.69 -24.89 -2.97
C ASN B 143 -11.75 -24.61 -1.80
N SER B 144 -11.41 -23.33 -1.63
CA SER B 144 -10.55 -22.89 -0.52
C SER B 144 -11.53 -22.53 0.58
N GLY B 145 -11.02 -22.07 1.71
CA GLY B 145 -11.93 -21.73 2.78
C GLY B 145 -11.36 -21.22 4.08
N VAL B 146 -12.08 -21.57 5.14
CA VAL B 146 -11.76 -21.10 6.48
C VAL B 146 -11.56 -22.23 7.47
N LEU B 147 -10.47 -22.13 8.22
CA LEU B 147 -10.11 -23.11 9.23
C LEU B 147 -10.38 -22.50 10.61
N PHE B 148 -10.85 -23.31 11.55
CA PHE B 148 -11.10 -22.84 12.90
C PHE B 148 -9.83 -23.27 13.62
N SER B 149 -8.86 -22.35 13.63
CA SER B 149 -7.53 -22.58 14.18
C SER B 149 -7.42 -23.09 15.62
N GLU B 150 -8.18 -22.52 16.54
CA GLU B 150 -8.12 -22.98 17.93
C GLU B 150 -8.62 -24.40 18.04
N ASN B 151 -9.69 -24.70 17.30
CA ASN B 151 -10.27 -26.04 17.26
C ASN B 151 -9.23 -27.02 16.72
N CYS B 152 -8.51 -26.59 15.67
CA CYS B 152 -7.47 -27.44 15.07
C CYS B 152 -6.43 -27.86 16.09
N ILE B 153 -5.90 -26.89 16.82
CA ILE B 153 -4.88 -27.20 17.80
C ILE B 153 -5.46 -28.02 18.92
N ARG B 154 -6.68 -27.69 19.32
CA ARG B 154 -7.30 -28.46 20.41
C ARG B 154 -7.49 -29.91 19.98
N ALA B 155 -8.00 -30.11 18.75
CA ALA B 155 -8.18 -31.48 18.23
C ALA B 155 -6.85 -32.23 18.15
N TYR B 156 -5.85 -31.63 17.50
CA TYR B 156 -4.54 -32.28 17.42
C TYR B 156 -4.05 -32.67 18.81
N ARG B 157 -4.23 -31.77 19.77
CA ARG B 157 -3.76 -32.08 21.12
C ARG B 157 -4.50 -33.26 21.75
N GLU B 158 -5.83 -33.22 21.71
CA GLU B 158 -6.63 -34.29 22.28
C GLU B 158 -6.28 -35.65 21.67
N LEU B 159 -6.09 -35.66 20.36
CA LEU B 159 -5.77 -36.89 19.64
C LEU B 159 -4.36 -37.41 19.94
N ALA B 160 -3.41 -36.48 20.08
CA ALA B 160 -2.04 -36.84 20.37
C ALA B 160 -1.98 -37.38 21.81
N GLU B 161 -2.66 -36.72 22.75
CA GLU B 161 -2.63 -37.19 24.13
C GLU B 161 -3.31 -38.55 24.27
N ALA B 162 -4.41 -38.76 23.55
CA ALA B 162 -5.09 -40.05 23.61
C ALA B 162 -4.10 -41.15 23.17
N ARG B 163 -3.19 -40.80 22.26
CA ARG B 163 -2.21 -41.77 21.78
C ARG B 163 -0.94 -41.86 22.63
N GLY B 164 -0.90 -41.11 23.74
CA GLY B 164 0.27 -41.22 24.58
C GLY B 164 1.21 -40.04 24.68
N ALA B 165 1.04 -39.03 23.82
CA ALA B 165 1.91 -37.86 23.90
C ALA B 165 1.62 -37.18 25.22
N LYS B 166 2.65 -36.58 25.81
CA LYS B 166 2.54 -35.87 27.09
C LYS B 166 2.69 -34.38 26.78
N VAL B 167 1.85 -33.56 27.38
CA VAL B 167 1.90 -32.12 27.15
C VAL B 167 2.15 -31.42 28.47
N LEU B 168 3.28 -30.76 28.58
CA LEU B 168 3.67 -30.03 29.80
C LEU B 168 3.38 -28.55 29.57
N THR B 169 2.33 -28.06 30.22
CA THR B 169 1.89 -26.68 30.06
C THR B 169 2.48 -25.67 31.04
N HIS B 170 2.26 -24.39 30.72
CA HIS B 170 2.72 -23.28 31.53
C HIS B 170 4.19 -23.48 31.93
N THR B 171 4.98 -23.99 30.99
CA THR B 171 6.39 -24.25 31.22
C THR B 171 7.22 -23.65 30.11
N ARG B 172 7.94 -22.60 30.46
CA ARG B 172 8.76 -21.89 29.52
C ARG B 172 10.14 -22.52 29.44
N VAL B 173 10.52 -23.00 28.25
CA VAL B 173 11.85 -23.58 28.09
C VAL B 173 12.77 -22.39 28.00
N GLU B 174 13.86 -22.42 28.76
CA GLU B 174 14.79 -21.30 28.81
C GLU B 174 16.14 -21.57 28.18
N ASP B 175 16.53 -22.83 28.05
CA ASP B 175 17.82 -23.13 27.46
C ASP B 175 17.85 -24.54 26.93
N PHE B 176 18.80 -24.81 26.04
CA PHE B 176 18.95 -26.11 25.39
C PHE B 176 20.38 -26.66 25.51
N ASP B 177 20.51 -27.98 25.52
CA ASP B 177 21.82 -28.61 25.58
C ASP B 177 21.79 -29.69 24.52
N ILE B 178 22.46 -29.44 23.41
CA ILE B 178 22.47 -30.40 22.32
C ILE B 178 23.78 -31.15 22.20
N SER B 179 23.71 -32.47 22.07
N SER B 179 23.69 -32.47 22.08
CA SER B 179 24.90 -33.28 21.90
CA SER B 179 24.86 -33.33 21.94
C SER B 179 24.74 -34.05 20.60
C SER B 179 24.71 -34.12 20.63
N PRO B 180 25.82 -34.69 20.14
CA PRO B 180 25.70 -35.46 18.89
C PRO B 180 24.63 -36.54 18.92
N ASP B 181 24.34 -37.09 20.11
CA ASP B 181 23.33 -38.14 20.19
C ASP B 181 22.12 -37.93 21.10
N SER B 182 21.88 -36.69 21.54
CA SER B 182 20.74 -36.44 22.40
C SER B 182 20.51 -34.96 22.54
N VAL B 183 19.31 -34.61 22.95
CA VAL B 183 18.96 -33.21 23.14
C VAL B 183 18.41 -33.11 24.56
N LYS B 184 18.58 -31.96 25.19
CA LYS B 184 18.07 -31.77 26.53
C LYS B 184 17.58 -30.35 26.73
N ILE B 185 16.52 -30.24 27.51
CA ILE B 185 15.93 -28.94 27.84
C ILE B 185 15.87 -28.85 29.35
N GLU B 186 15.79 -27.62 29.86
CA GLU B 186 15.75 -27.38 31.30
C GLU B 186 14.43 -26.78 31.76
N THR B 187 13.84 -27.33 32.82
CA THR B 187 12.59 -26.79 33.36
C THR B 187 12.50 -26.96 34.88
N ALA B 188 11.75 -26.06 35.50
CA ALA B 188 11.55 -26.04 36.95
C ALA B 188 11.26 -27.41 37.55
N ASN B 189 10.24 -28.09 37.00
CA ASN B 189 9.84 -29.40 37.52
C ASN B 189 10.62 -30.61 36.97
N GLY B 190 11.80 -30.38 36.38
CA GLY B 190 12.59 -31.49 35.86
C GLY B 190 13.24 -31.29 34.50
N SER B 191 14.37 -31.95 34.27
CA SER B 191 15.04 -31.84 33.00
C SER B 191 14.52 -32.90 32.05
N TYR B 192 14.45 -32.59 30.75
CA TYR B 192 13.97 -33.63 29.85
C TYR B 192 14.96 -33.90 28.73
N THR B 193 15.13 -35.18 28.39
CA THR B 193 16.02 -35.58 27.31
C THR B 193 15.29 -36.38 26.24
N ALA B 194 15.85 -36.38 25.04
CA ALA B 194 15.27 -37.08 23.93
C ALA B 194 16.32 -37.32 22.83
N ASP B 195 15.93 -38.01 21.79
CA ASP B 195 16.84 -38.26 20.69
C ASP B 195 16.73 -37.14 19.67
N LYS B 196 15.55 -36.52 19.59
CA LYS B 196 15.28 -35.47 18.62
C LYS B 196 14.55 -34.28 19.25
N LEU B 197 14.75 -33.11 18.66
CA LEU B 197 14.12 -31.90 19.15
C LEU B 197 13.47 -31.11 18.03
N ILE B 198 12.25 -30.67 18.25
CA ILE B 198 11.57 -29.84 17.28
C ILE B 198 11.40 -28.52 18.00
N VAL B 199 11.78 -27.43 17.35
CA VAL B 199 11.63 -26.09 17.94
C VAL B 199 10.62 -25.30 17.10
N SER B 200 9.51 -24.94 17.72
CA SER B 200 8.43 -24.23 17.05
C SER B 200 7.79 -23.26 18.06
N MET B 201 8.57 -22.28 18.51
CA MET B 201 8.08 -21.32 19.51
C MET B 201 7.39 -20.04 19.01
N GLY B 202 6.99 -20.01 17.75
CA GLY B 202 6.33 -18.83 17.22
C GLY B 202 7.08 -17.53 17.45
N ALA B 203 6.37 -16.52 17.93
CA ALA B 203 7.00 -15.22 18.15
C ALA B 203 8.24 -15.27 19.01
N TRP B 204 8.31 -16.25 19.91
CA TRP B 204 9.47 -16.37 20.80
C TRP B 204 10.72 -16.94 20.15
N ASN B 205 10.60 -17.42 18.91
CA ASN B 205 11.76 -17.93 18.18
C ASN B 205 12.75 -16.76 18.05
N SER B 206 12.20 -15.55 17.91
CA SER B 206 13.02 -14.35 17.75
C SER B 206 13.88 -14.01 18.98
N LYS B 207 13.53 -14.57 20.13
CA LYS B 207 14.27 -14.32 21.37
C LYS B 207 15.05 -15.51 21.86
N LEU B 208 14.65 -16.72 21.50
CA LEU B 208 15.33 -17.91 22.01
C LEU B 208 16.16 -18.77 21.07
N LEU B 209 16.13 -18.51 19.76
CA LEU B 209 16.93 -19.31 18.85
C LEU B 209 18.41 -19.02 19.08
N SER B 210 18.70 -17.89 19.70
CA SER B 210 20.09 -17.55 20.00
C SER B 210 20.62 -18.59 20.98
N LYS B 211 19.74 -19.22 21.75
CA LYS B 211 20.16 -20.28 22.71
C LYS B 211 20.60 -21.55 21.98
N LEU B 212 20.42 -21.57 20.65
CA LEU B 212 20.82 -22.71 19.84
C LEU B 212 21.91 -22.25 18.88
N ASN B 213 22.56 -21.15 19.25
CA ASN B 213 23.64 -20.58 18.46
C ASN B 213 23.17 -20.10 17.08
N LEU B 214 21.90 -19.74 16.97
CA LEU B 214 21.39 -19.25 15.71
C LEU B 214 21.20 -17.74 15.80
N ASP B 215 21.43 -17.06 14.68
CA ASP B 215 21.27 -15.62 14.61
C ASP B 215 20.55 -15.30 13.32
N ILE B 216 19.21 -15.40 13.36
CA ILE B 216 18.40 -15.15 12.17
C ILE B 216 17.44 -13.98 12.38
N PRO B 217 17.38 -13.05 11.41
CA PRO B 217 16.45 -11.94 11.63
C PRO B 217 15.01 -12.43 11.66
N LEU B 218 14.34 -12.20 12.78
CA LEU B 218 12.94 -12.58 12.96
C LEU B 218 12.29 -11.42 13.73
N GLN B 219 11.32 -10.76 13.10
CA GLN B 219 10.66 -9.64 13.75
C GLN B 219 9.20 -9.88 14.07
N PRO B 220 8.84 -9.84 15.38
CA PRO B 220 7.43 -10.07 15.74
C PRO B 220 6.67 -8.78 15.49
N TYR B 221 5.42 -8.92 15.05
CA TYR B 221 4.55 -7.78 14.79
C TYR B 221 3.20 -7.97 15.49
N ARG B 222 2.65 -6.87 15.97
CA ARG B 222 1.35 -6.87 16.62
C ARG B 222 0.32 -6.71 15.52
N GLN B 223 -0.54 -7.71 15.35
CA GLN B 223 -1.55 -7.69 14.31
C GLN B 223 -2.91 -7.93 14.90
N VAL B 224 -3.81 -6.96 14.72
CA VAL B 224 -5.16 -7.06 15.26
C VAL B 224 -6.21 -7.39 14.20
N VAL B 225 -7.37 -7.83 14.66
CA VAL B 225 -8.51 -8.16 13.82
C VAL B 225 -9.76 -7.70 14.58
N GLY B 226 -10.80 -7.38 13.83
CA GLY B 226 -12.04 -6.91 14.43
C GLY B 226 -13.23 -7.61 13.79
N PHE B 227 -14.28 -7.83 14.58
CA PHE B 227 -15.54 -8.44 14.14
C PHE B 227 -16.54 -7.29 14.23
N PHE B 228 -17.24 -7.02 13.14
CA PHE B 228 -18.19 -5.93 13.02
C PHE B 228 -19.63 -6.38 12.71
N GLU B 229 -20.59 -5.76 13.36
CA GLU B 229 -22.01 -6.10 13.10
C GLU B 229 -22.23 -5.83 11.61
N SER B 230 -22.81 -6.79 10.90
CA SER B 230 -22.99 -6.65 9.47
C SER B 230 -24.38 -6.96 8.96
N ASP B 231 -24.63 -6.58 7.71
CA ASP B 231 -25.89 -6.87 7.04
C ASP B 231 -25.77 -8.37 6.79
N GLU B 232 -26.45 -9.18 7.60
CA GLU B 232 -26.38 -10.63 7.46
C GLU B 232 -26.92 -11.17 6.13
N SER B 233 -27.82 -10.42 5.49
CA SER B 233 -28.39 -10.84 4.21
C SER B 233 -27.34 -10.73 3.12
N LYS B 234 -26.20 -10.13 3.45
CA LYS B 234 -25.11 -9.97 2.49
C LYS B 234 -23.77 -10.63 2.85
N TYR B 235 -23.35 -10.47 4.11
CA TYR B 235 -22.04 -10.97 4.55
C TYR B 235 -21.97 -12.29 5.31
N SER B 236 -23.10 -13.00 5.37
CA SER B 236 -23.12 -14.29 6.07
C SER B 236 -22.55 -15.41 5.23
N ASN B 237 -21.90 -16.37 5.90
CA ASN B 237 -21.38 -17.52 5.21
C ASN B 237 -22.57 -18.24 4.57
N ASP B 238 -23.74 -18.12 5.21
CA ASP B 238 -24.97 -18.77 4.74
C ASP B 238 -25.43 -18.32 3.34
N ILE B 239 -25.12 -17.07 2.97
CA ILE B 239 -25.52 -16.54 1.66
C ILE B 239 -24.27 -16.51 0.76
N ASP B 240 -23.28 -17.33 1.11
CA ASP B 240 -22.05 -17.48 0.35
C ASP B 240 -21.07 -16.31 0.22
N PHE B 241 -21.06 -15.42 1.21
CA PHE B 241 -20.09 -14.34 1.18
C PHE B 241 -18.76 -15.09 1.40
N PRO B 242 -17.74 -14.79 0.59
CA PRO B 242 -16.47 -15.47 0.72
C PRO B 242 -15.46 -14.94 1.70
N GLY B 243 -14.46 -15.78 1.98
CA GLY B 243 -13.35 -15.34 2.81
C GLY B 243 -12.61 -14.52 1.75
N PHE B 244 -11.61 -13.72 2.13
CA PHE B 244 -10.92 -12.92 1.12
C PHE B 244 -9.59 -12.35 1.61
N MET B 245 -8.70 -12.09 0.65
CA MET B 245 -7.42 -11.45 0.89
C MET B 245 -7.25 -10.59 -0.35
N VAL B 246 -7.24 -9.29 -0.15
CA VAL B 246 -7.17 -8.38 -1.27
C VAL B 246 -6.09 -7.30 -1.15
N GLU B 247 -5.73 -6.72 -2.29
CA GLU B 247 -4.73 -5.67 -2.31
C GLU B 247 -5.31 -4.35 -2.81
N VAL B 248 -5.18 -3.31 -2.00
CA VAL B 248 -5.66 -1.98 -2.36
C VAL B 248 -4.42 -1.07 -2.34
N PRO B 249 -4.54 0.18 -2.83
CA PRO B 249 -3.38 1.07 -2.84
C PRO B 249 -2.57 1.12 -1.54
N ASN B 250 -3.25 1.16 -0.38
CA ASN B 250 -2.52 1.22 0.87
C ASN B 250 -2.21 -0.09 1.60
N GLY B 251 -2.28 -1.20 0.88
CA GLY B 251 -1.93 -2.48 1.49
C GLY B 251 -2.85 -3.67 1.22
N ILE B 252 -2.57 -4.76 1.94
CA ILE B 252 -3.34 -5.98 1.81
C ILE B 252 -4.22 -6.16 3.05
N TYR B 253 -5.45 -6.60 2.81
CA TYR B 253 -6.43 -6.83 3.90
C TYR B 253 -7.01 -8.23 3.69
N TYR B 254 -7.47 -8.87 4.77
CA TYR B 254 -8.07 -10.20 4.69
C TYR B 254 -9.29 -10.23 5.59
N GLY B 255 -10.25 -11.08 5.26
CA GLY B 255 -11.45 -11.12 6.06
C GLY B 255 -12.25 -12.40 5.89
N PHE B 256 -13.27 -12.50 6.71
CA PHE B 256 -14.12 -13.66 6.75
C PHE B 256 -15.59 -13.30 6.77
N PRO B 257 -16.45 -14.17 6.21
CA PRO B 257 -17.87 -13.86 6.23
C PRO B 257 -18.34 -14.06 7.67
N SER B 258 -19.52 -13.55 8.00
CA SER B 258 -20.05 -13.71 9.34
C SER B 258 -20.48 -15.17 9.51
N PHE B 259 -20.08 -15.80 10.61
CA PHE B 259 -20.50 -17.17 10.86
C PHE B 259 -21.51 -17.13 12.02
N GLY B 260 -22.73 -17.61 11.78
CA GLY B 260 -23.73 -17.63 12.83
C GLY B 260 -23.91 -16.26 13.46
N GLY B 261 -23.87 -15.20 12.65
CA GLY B 261 -24.06 -13.84 13.16
C GLY B 261 -22.92 -13.23 13.99
N CYS B 262 -21.71 -13.81 13.91
CA CYS B 262 -20.58 -13.26 14.68
C CYS B 262 -20.09 -11.94 14.12
N GLY B 263 -20.46 -11.66 12.87
CA GLY B 263 -20.05 -10.42 12.23
C GLY B 263 -18.88 -10.69 11.31
N LEU B 264 -18.75 -9.89 10.25
CA LEU B 264 -17.64 -10.03 9.31
C LEU B 264 -16.35 -9.71 10.09
N LYS B 265 -15.29 -10.49 9.86
CA LYS B 265 -14.04 -10.27 10.57
C LYS B 265 -13.03 -9.71 9.59
N LEU B 266 -12.20 -8.76 10.03
CA LEU B 266 -11.25 -8.15 9.12
C LEU B 266 -9.91 -7.85 9.77
N GLY B 267 -8.89 -7.89 8.94
CA GLY B 267 -7.54 -7.60 9.40
C GLY B 267 -6.76 -6.90 8.32
N TYR B 268 -5.85 -6.04 8.76
CA TYR B 268 -4.94 -5.26 7.90
C TYR B 268 -3.62 -6.05 7.99
N HIS B 269 -3.25 -6.66 6.87
CA HIS B 269 -2.09 -7.55 6.80
C HIS B 269 -0.68 -6.95 6.68
N THR B 270 -0.52 -5.89 5.90
CA THR B 270 0.79 -5.31 5.65
C THR B 270 1.31 -4.29 6.65
N PHE B 271 0.53 -4.00 7.69
CA PHE B 271 0.96 -3.06 8.71
C PHE B 271 0.68 -3.64 10.10
N GLY B 272 1.63 -3.44 11.01
CA GLY B 272 1.49 -3.89 12.38
C GLY B 272 2.57 -3.22 13.19
N GLN B 273 2.49 -3.23 14.53
CA GLN B 273 3.53 -2.58 15.33
C GLN B 273 4.63 -3.58 15.63
N LYS B 274 5.88 -3.15 15.50
CA LYS B 274 6.99 -4.02 15.83
C LYS B 274 6.92 -4.17 17.36
N ILE B 275 7.01 -5.40 17.86
CA ILE B 275 6.92 -5.61 19.30
C ILE B 275 7.77 -6.77 19.76
N ASP B 276 7.76 -6.99 21.07
CA ASP B 276 8.47 -8.08 21.72
C ASP B 276 7.32 -8.92 22.26
N PRO B 277 7.33 -10.24 22.02
CA PRO B 277 6.26 -11.12 22.51
C PRO B 277 5.99 -11.09 24.03
N ASP B 278 6.95 -10.65 24.82
CA ASP B 278 6.73 -10.62 26.26
C ASP B 278 6.23 -9.27 26.79
N THR B 279 6.23 -8.24 25.93
CA THR B 279 5.76 -6.92 26.37
C THR B 279 4.69 -6.35 25.46
N ILE B 280 4.24 -7.11 24.48
CA ILE B 280 3.20 -6.66 23.56
C ILE B 280 1.92 -6.31 24.33
N ASN B 281 1.20 -5.27 23.91
CA ASN B 281 -0.07 -4.93 24.57
C ASN B 281 -1.14 -5.70 23.80
N ARG B 282 -1.75 -6.67 24.46
CA ARG B 282 -2.75 -7.51 23.80
C ARG B 282 -4.20 -7.04 23.90
N GLU B 283 -4.40 -5.78 24.24
CA GLU B 283 -5.75 -5.25 24.32
C GLU B 283 -6.07 -4.55 22.99
N PHE B 284 -7.18 -4.96 22.37
CA PHE B 284 -7.57 -4.37 21.09
C PHE B 284 -8.11 -2.97 21.34
N GLY B 285 -7.75 -2.01 20.48
CA GLY B 285 -8.25 -0.66 20.62
C GLY B 285 -7.36 0.36 21.34
N VAL B 286 -6.28 -0.07 21.98
CA VAL B 286 -5.40 0.89 22.67
C VAL B 286 -4.68 1.81 21.72
N TYR B 287 -4.52 1.39 20.46
CA TYR B 287 -3.89 2.25 19.45
C TYR B 287 -5.08 2.67 18.60
N PRO B 288 -5.21 3.98 18.33
CA PRO B 288 -6.35 4.39 17.50
C PRO B 288 -6.39 3.69 16.13
N GLU B 289 -5.24 3.31 15.59
CA GLU B 289 -5.21 2.62 14.29
C GLU B 289 -5.88 1.24 14.31
N ASP B 290 -5.93 0.60 15.48
CA ASP B 290 -6.52 -0.74 15.59
C ASP B 290 -7.89 -0.78 14.91
N GLU B 291 -8.74 0.17 15.25
CA GLU B 291 -10.07 0.18 14.69
C GLU B 291 -10.20 1.02 13.41
N SER B 292 -9.45 2.10 13.32
CA SER B 292 -9.59 2.97 12.15
C SER B 292 -9.05 2.40 10.85
N ASN B 293 -7.98 1.62 10.90
CA ASN B 293 -7.47 1.04 9.65
C ASN B 293 -8.49 0.06 9.07
N LEU B 294 -9.23 -0.62 9.93
CA LEU B 294 -10.24 -1.59 9.48
C LEU B 294 -11.45 -0.88 8.89
N ARG B 295 -11.96 0.15 9.58
CA ARG B 295 -13.14 0.84 9.07
C ARG B 295 -12.82 1.59 7.80
N ALA B 296 -11.57 2.05 7.68
CA ALA B 296 -11.14 2.76 6.48
C ALA B 296 -11.37 1.84 5.27
N PHE B 297 -11.07 0.55 5.44
CA PHE B 297 -11.26 -0.41 4.36
C PHE B 297 -12.75 -0.73 4.16
N LEU B 298 -13.46 -1.02 5.25
CA LEU B 298 -14.88 -1.38 5.18
C LEU B 298 -15.77 -0.33 4.54
N GLU B 299 -15.66 0.93 4.98
CA GLU B 299 -16.52 1.98 4.44
C GLU B 299 -16.36 2.11 2.94
N GLU B 300 -15.16 1.83 2.44
CA GLU B 300 -14.90 1.91 1.01
C GLU B 300 -15.29 0.67 0.20
N TYR B 301 -14.97 -0.52 0.70
CA TYR B 301 -15.22 -1.78 -0.04
C TYR B 301 -16.33 -2.76 0.39
N MET B 302 -16.76 -2.69 1.65
CA MET B 302 -17.80 -3.58 2.22
C MET B 302 -18.55 -2.69 3.18
N PRO B 303 -19.21 -1.67 2.64
CA PRO B 303 -19.96 -0.72 3.46
C PRO B 303 -21.06 -1.25 4.35
N GLY B 304 -21.71 -2.34 3.97
CA GLY B 304 -22.76 -2.89 4.82
C GLY B 304 -22.19 -3.75 5.96
N ALA B 305 -20.87 -3.84 6.06
CA ALA B 305 -20.24 -4.60 7.11
C ALA B 305 -19.42 -3.66 7.99
N ASN B 306 -19.91 -2.45 8.22
CA ASN B 306 -19.17 -1.46 9.00
C ASN B 306 -19.96 -0.99 10.24
N GLY B 307 -20.57 -1.93 10.94
CA GLY B 307 -21.34 -1.56 12.11
C GLY B 307 -20.57 -1.57 13.41
N GLU B 308 -21.27 -1.77 14.50
CA GLU B 308 -20.63 -1.77 15.81
C GLU B 308 -19.57 -2.83 15.91
N LEU B 309 -18.48 -2.49 16.59
CA LEU B 309 -17.40 -3.44 16.78
C LEU B 309 -17.95 -4.44 17.79
N LYS B 310 -17.94 -5.71 17.43
CA LYS B 310 -18.45 -6.74 18.33
C LYS B 310 -17.36 -7.40 19.15
N ARG B 311 -16.18 -7.52 18.55
CA ARG B 311 -15.09 -8.19 19.22
C ARG B 311 -13.78 -7.85 18.53
N GLY B 312 -12.70 -7.83 19.32
CA GLY B 312 -11.38 -7.56 18.76
C GLY B 312 -10.41 -8.60 19.34
N ALA B 313 -9.31 -8.87 18.65
CA ALA B 313 -8.29 -9.79 19.15
C ALA B 313 -6.94 -9.20 18.76
N VAL B 314 -5.89 -9.57 19.48
CA VAL B 314 -4.56 -9.04 19.18
C VAL B 314 -3.67 -10.26 19.06
N CYS B 315 -3.00 -10.38 17.93
CA CYS B 315 -2.22 -11.56 17.73
C CYS B 315 -0.88 -11.21 17.08
N MET B 316 0.01 -12.17 16.88
CA MET B 316 1.35 -11.86 16.35
C MET B 316 1.86 -12.58 15.09
N TYR B 317 2.58 -11.85 14.23
CA TYR B 317 3.20 -12.42 13.04
C TYR B 317 4.69 -12.44 13.42
N THR B 318 5.44 -13.37 12.83
CA THR B 318 6.87 -13.37 13.07
C THR B 318 7.44 -13.42 11.66
N LYS B 319 7.99 -12.29 11.21
CA LYS B 319 8.48 -12.20 9.85
C LYS B 319 9.97 -12.40 9.66
N THR B 320 10.30 -13.03 8.53
CA THR B 320 11.68 -13.25 8.10
C THR B 320 11.86 -12.13 7.06
N LEU B 321 13.10 -11.89 6.63
CA LEU B 321 13.34 -10.83 5.67
C LEU B 321 12.63 -11.03 4.31
N ASP B 322 12.51 -12.28 3.85
CA ASP B 322 11.82 -12.54 2.57
C ASP B 322 10.36 -12.99 2.74
N GLU B 323 9.90 -13.04 3.99
CA GLU B 323 8.54 -13.46 4.34
C GLU B 323 8.17 -14.90 3.94
N HIS B 324 9.21 -15.73 3.76
CA HIS B 324 9.02 -17.14 3.48
C HIS B 324 9.41 -17.87 4.79
N PHE B 325 8.78 -19.01 5.05
CA PHE B 325 9.05 -19.75 6.26
C PHE B 325 10.46 -20.33 6.40
N ILE B 326 10.71 -20.88 7.59
CA ILE B 326 11.95 -21.56 7.86
C ILE B 326 11.53 -22.91 8.39
N ILE B 327 11.87 -23.96 7.66
CA ILE B 327 11.56 -25.32 8.06
C ILE B 327 12.76 -26.09 7.58
N ASP B 328 13.56 -26.57 8.51
CA ASP B 328 14.79 -27.24 8.13
C ASP B 328 15.47 -27.78 9.38
N LEU B 329 16.52 -28.57 9.19
CA LEU B 329 17.29 -29.08 10.31
C LEU B 329 18.23 -27.95 10.72
N HIS B 330 18.59 -27.92 11.99
CA HIS B 330 19.54 -26.94 12.51
C HIS B 330 20.85 -27.22 11.72
N PRO B 331 21.43 -26.19 11.10
CA PRO B 331 22.68 -26.43 10.34
C PRO B 331 23.80 -27.20 11.07
N GLU B 332 23.88 -27.07 12.39
CA GLU B 332 24.94 -27.76 13.15
C GLU B 332 24.47 -29.04 13.83
N HIS B 333 23.16 -29.25 13.90
CA HIS B 333 22.64 -30.42 14.59
C HIS B 333 21.54 -31.09 13.79
N SER B 334 21.83 -32.28 13.27
CA SER B 334 20.86 -32.98 12.46
C SER B 334 19.71 -33.52 13.31
N ASN B 335 19.86 -33.45 14.64
CA ASN B 335 18.82 -33.92 15.55
C ASN B 335 17.93 -32.81 16.13
N VAL B 336 17.95 -31.65 15.48
CA VAL B 336 17.16 -30.52 15.91
C VAL B 336 16.46 -29.96 14.69
N VAL B 337 15.15 -29.86 14.77
CA VAL B 337 14.36 -29.34 13.65
C VAL B 337 13.83 -27.98 14.00
N ILE B 338 13.90 -27.05 13.04
CA ILE B 338 13.44 -25.69 13.31
C ILE B 338 12.29 -25.36 12.41
N ALA B 339 11.28 -24.73 13.01
CA ALA B 339 10.09 -24.28 12.29
C ALA B 339 9.86 -22.84 12.80
N ALA B 340 10.12 -21.82 11.98
CA ALA B 340 9.93 -20.45 12.43
C ALA B 340 9.64 -19.47 11.30
N GLY B 341 9.40 -18.21 11.65
CA GLY B 341 9.16 -17.14 10.68
C GLY B 341 8.03 -17.32 9.68
N PHE B 342 6.87 -17.73 10.17
CA PHE B 342 5.76 -18.00 9.29
C PHE B 342 5.15 -16.73 8.70
N SER B 343 5.71 -15.60 9.12
CA SER B 343 5.38 -14.30 8.56
C SER B 343 3.92 -13.97 8.30
N GLY B 344 3.06 -14.37 9.22
CA GLY B 344 1.65 -14.04 9.08
C GLY B 344 0.78 -14.85 8.12
N HIS B 345 1.31 -15.88 7.49
CA HIS B 345 0.49 -16.69 6.56
C HIS B 345 0.77 -18.18 6.66
N GLY B 346 1.17 -18.63 7.85
CA GLY B 346 1.49 -20.04 8.01
C GLY B 346 0.45 -21.01 8.54
N PHE B 347 -0.58 -20.53 9.23
CA PHE B 347 -1.53 -21.48 9.79
C PHE B 347 -2.14 -22.48 8.83
N LYS B 348 -2.53 -22.01 7.64
CA LYS B 348 -3.13 -22.89 6.64
C LYS B 348 -2.25 -24.09 6.32
N PHE B 349 -0.94 -23.94 6.51
CA PHE B 349 -0.02 -25.03 6.19
C PHE B 349 0.34 -25.87 7.43
N SER B 350 -0.13 -25.46 8.61
CA SER B 350 0.27 -26.18 9.81
C SER B 350 0.09 -27.69 9.82
N SER B 351 -0.95 -28.22 9.17
CA SER B 351 -1.16 -29.66 9.09
C SER B 351 -0.01 -30.25 8.25
N GLY B 352 0.23 -29.69 7.07
CA GLY B 352 1.30 -30.17 6.22
C GLY B 352 2.64 -30.01 6.93
N VAL B 353 2.83 -28.89 7.61
CA VAL B 353 4.08 -28.65 8.31
C VAL B 353 4.30 -29.66 9.45
N GLY B 354 3.24 -30.07 10.13
CA GLY B 354 3.42 -31.05 11.21
C GLY B 354 3.93 -32.36 10.61
N GLU B 355 3.47 -32.68 9.42
CA GLU B 355 3.89 -33.91 8.76
C GLU B 355 5.35 -33.75 8.36
N VAL B 356 5.70 -32.58 7.85
CA VAL B 356 7.09 -32.33 7.43
C VAL B 356 8.01 -32.42 8.65
N LEU B 357 7.64 -31.77 9.74
CA LEU B 357 8.47 -31.77 10.94
C LEU B 357 8.66 -33.18 11.52
N SER B 358 7.62 -33.99 11.41
N SER B 358 7.63 -34.02 11.42
CA SER B 358 7.66 -35.38 11.90
CA SER B 358 7.72 -35.38 11.94
C SER B 358 8.66 -36.18 11.08
C SER B 358 8.70 -36.18 11.08
N GLN B 359 8.64 -35.95 9.77
CA GLN B 359 9.54 -36.65 8.86
C GLN B 359 10.98 -36.23 9.11
N LEU B 360 11.20 -34.92 9.29
CA LEU B 360 12.56 -34.41 9.54
C LEU B 360 13.12 -34.92 10.86
N ALA B 361 12.28 -34.98 11.89
CA ALA B 361 12.74 -35.46 13.20
C ALA B 361 13.07 -36.96 13.19
N LEU B 362 12.24 -37.73 12.49
CA LEU B 362 12.46 -39.18 12.44
C LEU B 362 13.51 -39.65 11.44
N THR B 363 13.58 -39.01 10.28
CA THR B 363 14.49 -39.45 9.24
C THR B 363 15.54 -38.48 8.76
N GLY B 364 15.47 -37.23 9.22
CA GLY B 364 16.44 -36.26 8.77
C GLY B 364 16.11 -35.77 7.37
N LYS B 365 14.96 -36.21 6.84
CA LYS B 365 14.56 -35.80 5.50
C LYS B 365 13.05 -35.76 5.41
N THR B 366 12.54 -35.19 4.32
CA THR B 366 11.11 -35.15 4.12
C THR B 366 10.80 -35.46 2.66
N GLU B 367 9.58 -35.93 2.38
CA GLU B 367 9.23 -36.25 1.01
C GLU B 367 8.80 -34.98 0.30
N HIS B 368 8.50 -33.93 1.07
CA HIS B 368 8.12 -32.66 0.47
C HIS B 368 9.33 -31.85 0.04
N ASP B 369 9.15 -31.01 -0.98
CA ASP B 369 10.21 -30.14 -1.45
C ASP B 369 10.09 -28.92 -0.54
N ILE B 370 11.06 -28.75 0.37
CA ILE B 370 11.04 -27.61 1.27
C ILE B 370 12.24 -26.69 1.05
N SER B 371 12.87 -26.81 -0.11
CA SER B 371 14.03 -25.97 -0.40
C SER B 371 13.74 -24.47 -0.25
N ILE B 372 12.52 -24.03 -0.57
CA ILE B 372 12.24 -22.61 -0.45
C ILE B 372 12.23 -22.13 1.00
N PHE B 373 12.21 -23.10 1.93
CA PHE B 373 12.22 -22.76 3.36
C PHE B 373 13.56 -23.06 4.02
N SER B 374 14.59 -23.24 3.19
CA SER B 374 15.92 -23.56 3.70
C SER B 374 16.44 -22.51 4.67
N ILE B 375 17.01 -22.97 5.79
CA ILE B 375 17.55 -22.08 6.81
C ILE B 375 18.90 -21.48 6.35
N ASN B 376 19.41 -22.00 5.23
CA ASN B 376 20.69 -21.55 4.68
C ASN B 376 20.52 -20.64 3.46
N ARG B 377 19.30 -20.29 3.11
CA ARG B 377 19.10 -19.42 1.95
C ARG B 377 19.62 -18.01 2.27
N PRO B 378 20.25 -17.36 1.27
CA PRO B 378 20.84 -16.01 1.36
C PRO B 378 19.88 -14.89 1.77
N ALA B 379 18.67 -14.93 1.24
CA ALA B 379 17.69 -13.90 1.52
C ALA B 379 17.32 -13.81 2.99
N LEU B 380 17.57 -14.90 3.70
CA LEU B 380 17.26 -14.98 5.12
C LEU B 380 18.25 -14.16 5.98
N LYS B 381 19.52 -14.14 5.55
N LYS B 381 19.51 -14.15 5.55
CA LYS B 381 20.61 -13.47 6.25
CA LYS B 381 20.59 -13.44 6.26
C LYS B 381 20.90 -14.18 7.58
C LYS B 381 20.90 -14.18 7.57
N GLU B 382 20.94 -15.50 7.51
CA GLU B 382 21.21 -16.34 8.70
C GLU B 382 22.68 -16.41 9.11
N SER B 383 22.91 -16.75 10.38
CA SER B 383 24.27 -16.84 10.92
C SER B 383 24.26 -17.56 12.27
N LEU B 384 25.47 -17.84 12.77
CA LEU B 384 25.68 -18.50 14.06
C LEU B 384 26.59 -17.58 14.88
N GLN B 385 26.57 -17.71 16.21
CA GLN B 385 27.41 -16.88 17.06
C GLN B 385 28.86 -17.39 17.10
P PO4 C . 10.52 34.93 -4.51
O1 PO4 C . 11.31 35.70 -3.47
O2 PO4 C . 9.11 35.60 -4.70
O3 PO4 C . 11.27 34.96 -5.83
O4 PO4 C . 10.36 33.51 -4.06
CL CL D . -4.56 17.91 -8.24
PA FAD E . -4.73 25.41 -8.35
O1A FAD E . -3.29 25.61 -8.52
O2A FAD E . -5.35 25.14 -7.02
O5B FAD E . -5.52 26.49 -9.09
C5B FAD E . -6.99 26.61 -9.09
C4B FAD E . -7.27 28.05 -8.86
O4B FAD E . -8.61 28.38 -9.17
C3B FAD E . -6.98 28.60 -7.45
O3B FAD E . -6.07 29.67 -7.48
C2B FAD E . -8.31 29.11 -6.93
O2B FAD E . -8.28 30.25 -6.07
C1B FAD E . -9.17 29.23 -8.22
N9A FAD E . -10.58 29.23 -8.04
C8A FAD E . -11.32 28.26 -7.41
N7A FAD E . -12.60 28.49 -7.43
C5A FAD E . -12.73 29.67 -8.12
C6A FAD E . -13.85 30.49 -8.49
N6A FAD E . -15.12 30.14 -8.18
N1A FAD E . -13.64 31.65 -9.18
C2A FAD E . -12.36 32.00 -9.49
N3A FAD E . -11.23 31.28 -9.17
C4A FAD E . -11.50 30.13 -8.48
N1 FAD E . 2.30 17.70 -8.81
C2 FAD E . 3.49 17.41 -9.41
O2 FAD E . 3.63 17.38 -10.60
N3 FAD E . 4.55 17.17 -8.54
C4 FAD E . 4.51 17.19 -7.12
O4 FAD E . 5.56 16.97 -6.47
C4X FAD E . 3.27 17.50 -6.57
N5 FAD E . 3.24 17.52 -5.18
C5X FAD E . 2.05 17.88 -4.63
C6 FAD E . 2.00 17.96 -3.19
C7 FAD E . 0.82 18.38 -2.55
C7M FAD E . 0.76 18.46 -1.04
C8 FAD E . -0.30 18.74 -3.41
C8M FAD E . -1.46 19.38 -2.92
C9 FAD E . -0.27 18.64 -4.76
C9A FAD E . 0.88 18.20 -5.41
N10 FAD E . 0.97 18.09 -6.87
C10 FAD E . 2.20 17.74 -7.45
C1' FAD E . -0.24 18.25 -7.81
C2' FAD E . -0.31 19.66 -8.38
O2' FAD E . 0.06 20.61 -7.31
C3' FAD E . -1.81 19.86 -8.76
O3' FAD E . -2.21 18.94 -9.75
C4' FAD E . -1.90 21.42 -9.36
O4' FAD E . -1.48 22.38 -8.52
C5' FAD E . -3.26 21.50 -9.94
O5' FAD E . -3.37 22.89 -10.48
P FAD E . -4.77 23.63 -10.76
O1P FAD E . -5.78 22.62 -11.08
O2P FAD E . -4.48 24.82 -11.52
O3P FAD E . -5.21 24.01 -9.18
O5 MSF F . 6.76 12.76 -7.71
O6 MSF F . 5.54 13.84 -9.09
C1 MSF F . 5.78 13.44 -7.96
C2 MSF F . 4.84 13.79 -6.86
SE3 MSF F . 3.05 14.22 -7.16
SE3 MSF F . 3.63 12.58 -6.06
C4 MSF F . 3.13 14.26 -5.23
P PO4 G . -9.00 -24.27 -5.63
O1 PO4 G . -8.54 -24.08 -4.20
O2 PO4 G . -10.52 -23.93 -5.74
O3 PO4 G . -8.23 -23.37 -6.55
O4 PO4 G . -8.78 -25.71 -6.02
P PO4 H . -15.21 -26.40 20.61
O1 PO4 H . -14.27 -26.73 21.82
O2 PO4 H . -15.14 -27.52 19.59
O3 PO4 H . -16.66 -26.27 21.13
O4 PO4 H . -14.77 -25.09 19.99
CL CL I . 3.43 -15.78 11.94
PA FAD J . 2.09 -20.38 17.70
O1A FAD J . 0.84 -20.93 17.17
O2A FAD J . 2.18 -19.04 18.34
O5B FAD J . 2.84 -21.43 18.55
C5B FAD J . 4.10 -21.20 19.23
C4B FAD J . 3.94 -21.80 20.56
O4B FAD J . 5.20 -21.93 21.22
C3B FAD J . 2.98 -21.10 21.52
O3B FAD J . 1.98 -21.97 22.00
C2B FAD J . 3.82 -20.67 22.70
O2B FAD J . 3.17 -20.62 23.99
C1B FAD J . 5.10 -21.55 22.56
N9A FAD J . 6.28 -21.10 23.23
C8A FAD J . 6.88 -19.89 23.07
N7A FAD J . 7.99 -19.75 23.76
C5A FAD J . 8.12 -20.93 24.41
C6A FAD J . 9.10 -21.45 25.33
N6A FAD J . 10.17 -20.73 25.71
N1A FAD J . 8.95 -22.72 25.83
C2A FAD J . 7.87 -23.45 25.44
N3A FAD J . 6.89 -23.03 24.57
C4A FAD J . 7.08 -21.76 24.09
N1 FAD J . -2.26 -17.75 8.58
C2 FAD J . -3.02 -18.32 7.59
O2 FAD J . -2.64 -19.26 6.92
N3 FAD J . -4.28 -17.74 7.37
C4 FAD J . -4.84 -16.65 8.08
O4 FAD J . -5.98 -16.23 7.79
C4X FAD J . -4.04 -16.12 9.08
N5 FAD J . -4.62 -15.07 9.76
C5X FAD J . -3.88 -14.59 10.80
C6 FAD J . -4.47 -13.50 11.57
C7 FAD J . -3.78 -13.00 12.67
C7M FAD J . -4.38 -11.86 13.49
C8 FAD J . -2.51 -13.61 13.01
C8M FAD J . -1.83 -13.36 14.22
C9 FAD J . -1.94 -14.61 12.29
C9A FAD J . -2.59 -15.11 11.15
N10 FAD J . -2.04 -16.19 10.35
C10 FAD J . -2.77 -16.72 9.29
C1' FAD J . -0.59 -16.72 10.55
C2' FAD J . -0.60 -18.00 11.39
O2' FAD J . -1.59 -17.86 12.45
C3' FAD J . 0.83 -18.07 11.99
O3' FAD J . 1.78 -18.17 10.95
C4' FAD J . 0.87 -19.45 12.96
O4' FAD J . -0.06 -19.48 13.97
C5' FAD J . 2.30 -19.60 13.32
O5' FAD J . 2.34 -20.83 14.20
P FAD J . 3.51 -21.17 15.21
O1P FAD J . 4.74 -20.59 14.72
O2P FAD J . 3.31 -22.54 15.65
O3P FAD J . 3.15 -20.10 16.44
O5 MSF K . -5.56 -14.94 3.34
O6 MSF K . -4.07 -16.36 3.95
C1 MSF K . -4.70 -15.32 4.12
C2 MSF K . -4.41 -14.50 5.31
SE3 MSF K . -2.84 -14.66 6.30
SE3 MSF K . -3.36 -12.95 5.31
C4 MSF K . -3.68 -13.18 7.18
#